data_3IB9
#
_entry.id   3IB9
#
_cell.length_a   168.494
_cell.length_b   168.494
_cell.length_c   80.305
_cell.angle_alpha   90.000
_cell.angle_beta   90.000
_cell.angle_gamma   120.000
#
_symmetry.space_group_name_H-M   'P 63'
#
loop_
_entity.id
_entity.type
_entity.pdbx_description
1 polymer 'Propionyl-CoA carboxylase complex B subunit'
2 non-polymer BIOTIN
3 non-polymer 'SULFATE ION'
4 water water
#
_entity_poly.entity_id   1
_entity_poly.type   'polypeptide(L)'
_entity_poly.pdbx_seq_one_letter_code
;MSEPEEQQPDIHTTAGKLADLRRRIEEATHAGSARAVEKQHAKGKLTARERIDLLLDEGSFVELDEFARHRSTNFGLDAN
RPYGDGVVTGYGTVDGRPVAVFSQDFTVFGGALGEVYGQKIVKVMDFALKTGCPVVGINDSGGARIQEGVASLGAYGEIF
RRNTHASGVIPQISLVVGPCAGGAVYSPAITDFTVMVDQTSHMFITGPDVIKTVTGEDVGFEELGGARTHNSTSGVAHHM
AGDEKDAVEYVKQLLSYLPSNNLSEPPAFPEEADLAVTDEDAELDTIVPDSANQPYDMHSVIEHVLDDAEFFETQPLFAP
NILTGFGRVEGRPVGIVANQPMQFAGCLDITASEKAARFVRTCDAFNVPVLTFVDVPGFLPGVDQEHDGIIRRGAKLIFA
YAEATVPLITVITRKAFGGAYLVMGSKHLGADLNLAWPTAQIAVMGAQGAVNILHRRTIADAGDDAEATRARLIQEYEDA
LLNPYTAAERGYVDAVIMPSDTRRHIVRGLRQLRTKRESLPPKKHGNIPL
;
_entity_poly.pdbx_strand_id   A,B
#
loop_
_chem_comp.id
_chem_comp.type
_chem_comp.name
_chem_comp.formula
BTN non-polymer BIOTIN 'C10 H16 N2 O3 S'
SO4 non-polymer 'SULFATE ION' 'O4 S -2'
#
# COMPACT_ATOMS: atom_id res chain seq x y z
N ASP A 10 -49.94 -36.36 11.27
CA ASP A 10 -49.62 -35.33 10.30
C ASP A 10 -48.40 -34.51 10.69
N ILE A 11 -47.81 -34.84 11.83
CA ILE A 11 -46.52 -34.29 12.24
C ILE A 11 -45.66 -35.49 12.54
N HIS A 12 -46.26 -36.43 13.27
CA HIS A 12 -45.55 -37.67 13.56
C HIS A 12 -45.48 -38.54 12.32
N THR A 13 -45.92 -37.97 11.20
CA THR A 13 -46.09 -38.71 9.96
C THR A 13 -45.28 -38.06 8.84
N THR A 14 -44.59 -38.89 8.07
CA THR A 14 -43.63 -38.43 7.09
C THR A 14 -44.15 -37.23 6.31
N ALA A 15 -45.40 -37.34 5.85
CA ALA A 15 -46.05 -36.25 5.15
C ALA A 15 -46.12 -34.99 6.01
N GLY A 16 -46.46 -35.16 7.28
CA GLY A 16 -46.56 -34.02 8.18
C GLY A 16 -45.22 -33.32 8.35
N LYS A 17 -44.14 -34.09 8.29
CA LYS A 17 -42.79 -33.56 8.46
C LYS A 17 -42.20 -33.02 7.16
N LEU A 18 -42.85 -33.30 6.04
CA LEU A 18 -42.59 -32.55 4.81
C LEU A 18 -43.36 -31.24 4.80
N ALA A 19 -44.56 -31.27 5.34
CA ALA A 19 -45.44 -30.10 5.35
C ALA A 19 -45.13 -29.19 6.52
N ASP A 20 -44.21 -29.64 7.38
CA ASP A 20 -43.54 -28.74 8.32
C ASP A 20 -42.46 -27.92 7.61
N LEU A 21 -41.67 -28.58 6.78
CA LEU A 21 -40.49 -27.96 6.18
C LEU A 21 -40.83 -27.12 4.95
N ARG A 22 -42.10 -27.14 4.56
CA ARG A 22 -42.66 -26.12 3.69
C ARG A 22 -43.09 -24.89 4.47
N ARG A 23 -43.46 -25.08 5.74
CA ARG A 23 -43.88 -23.95 6.57
C ARG A 23 -42.68 -23.09 6.94
N ARG A 24 -41.56 -23.72 7.26
CA ARG A 24 -40.38 -23.03 7.77
C ARG A 24 -39.52 -22.49 6.62
N ILE A 25 -39.79 -22.97 5.42
CA ILE A 25 -39.26 -22.34 4.21
C ILE A 25 -39.97 -21.02 3.92
N GLU A 26 -41.27 -20.99 4.13
CA GLU A 26 -42.04 -19.76 3.99
C GLU A 26 -41.60 -18.71 5.01
N GLU A 27 -41.38 -19.16 6.25
CA GLU A 27 -41.01 -18.26 7.33
C GLU A 27 -39.58 -17.76 7.17
N ALA A 28 -38.74 -18.58 6.55
CA ALA A 28 -37.32 -18.27 6.40
C ALA A 28 -37.10 -17.26 5.29
N THR A 29 -37.81 -17.42 4.18
CA THR A 29 -37.65 -16.51 3.03
C THR A 29 -38.26 -15.13 3.29
N HIS A 30 -39.12 -15.05 4.30
CA HIS A 30 -39.81 -13.82 4.64
C HIS A 30 -39.42 -13.34 6.04
N ALA A 31 -38.18 -13.60 6.41
CA ALA A 31 -37.70 -13.31 7.75
C ALA A 31 -38.13 -11.90 8.18
N GLY A 32 -37.88 -10.93 7.32
CA GLY A 32 -38.13 -9.53 7.65
C GLY A 32 -39.58 -9.16 7.56
N SER A 33 -40.01 -8.31 8.49
CA SER A 33 -41.42 -8.02 8.69
C SER A 33 -41.92 -7.09 7.59
N ALA A 34 -43.24 -7.07 7.40
CA ALA A 34 -43.83 -6.50 6.19
C ALA A 34 -44.09 -5.00 6.28
N ARG A 35 -43.57 -4.37 7.34
CA ARG A 35 -43.30 -2.93 7.31
C ARG A 35 -41.83 -2.66 7.03
N ALA A 36 -40.95 -3.55 7.46
CA ALA A 36 -39.52 -3.37 7.27
C ALA A 36 -39.17 -3.50 5.80
N VAL A 37 -39.88 -4.38 5.09
CA VAL A 37 -39.70 -4.52 3.65
C VAL A 37 -40.29 -3.33 2.90
N GLU A 38 -41.41 -2.82 3.41
CA GLU A 38 -42.05 -1.64 2.83
C GLU A 38 -41.20 -0.40 3.06
N LYS A 39 -40.52 -0.34 4.20
CA LYS A 39 -39.59 0.75 4.49
C LYS A 39 -38.39 0.70 3.55
N GLN A 40 -37.90 -0.51 3.28
CA GLN A 40 -36.76 -0.71 2.41
C GLN A 40 -37.05 -0.29 0.98
N HIS A 41 -38.22 -0.67 0.48
CA HIS A 41 -38.68 -0.24 -0.84
C HIS A 41 -38.86 1.27 -0.90
N ALA A 42 -39.36 1.85 0.19
CA ALA A 42 -39.62 3.28 0.24
C ALA A 42 -38.32 4.08 0.22
N LYS A 43 -37.23 3.39 0.48
CA LYS A 43 -35.92 4.01 0.48
C LYS A 43 -35.24 3.69 -0.83
N GLY A 44 -36.01 3.15 -1.78
CA GLY A 44 -35.50 2.92 -3.13
C GLY A 44 -34.56 1.72 -3.21
N LYS A 45 -34.50 0.98 -2.11
CA LYS A 45 -33.64 -0.20 -2.03
C LYS A 45 -34.40 -1.47 -2.41
N LEU A 46 -33.66 -2.50 -2.79
CA LEU A 46 -34.23 -3.84 -2.95
C LEU A 46 -33.97 -4.71 -1.72
N THR A 47 -34.67 -5.84 -1.62
CA THR A 47 -34.45 -6.77 -0.50
C THR A 47 -33.46 -7.89 -0.83
N ALA A 48 -32.73 -8.36 0.18
CA ALA A 48 -31.49 -9.09 -0.06
C ALA A 48 -31.70 -10.23 -1.05
N ARG A 49 -32.84 -10.90 -0.94
CA ARG A 49 -33.21 -11.97 -1.87
C ARG A 49 -33.38 -11.42 -3.29
N GLU A 50 -34.04 -10.28 -3.41
CA GLU A 50 -34.31 -9.70 -4.73
C GLU A 50 -33.00 -9.26 -5.38
N ARG A 51 -32.00 -9.03 -4.54
CA ARG A 51 -30.64 -8.77 -4.99
C ARG A 51 -29.99 -10.03 -5.55
N ILE A 52 -30.08 -11.11 -4.79
CA ILE A 52 -29.47 -12.37 -5.15
C ILE A 52 -30.03 -12.89 -6.46
N ASP A 53 -31.34 -12.74 -6.67
CA ASP A 53 -31.87 -13.21 -7.96
C ASP A 53 -31.23 -12.47 -9.12
N LEU A 54 -31.21 -11.14 -9.04
CA LEU A 54 -30.76 -10.29 -10.14
C LEU A 54 -29.27 -10.45 -10.42
N LEU A 55 -28.53 -11.00 -9.47
CA LEU A 55 -27.15 -11.39 -9.71
C LEU A 55 -27.06 -12.71 -10.49
N LEU A 56 -27.63 -13.76 -9.90
CA LEU A 56 -27.31 -15.13 -10.27
C LEU A 56 -28.22 -15.62 -11.39
N ASP A 57 -27.67 -16.50 -12.21
CA ASP A 57 -28.38 -17.06 -13.35
C ASP A 57 -29.63 -17.80 -12.90
N GLU A 58 -30.74 -17.48 -13.56
CA GLU A 58 -32.07 -17.79 -13.05
C GLU A 58 -32.21 -19.27 -12.76
N GLY A 59 -32.41 -19.60 -11.48
CA GLY A 59 -32.51 -20.98 -11.04
C GLY A 59 -31.30 -21.65 -10.41
N SER A 60 -30.14 -21.05 -10.59
CA SER A 60 -28.91 -21.62 -10.03
C SER A 60 -28.98 -21.74 -8.50
N PHE A 61 -29.43 -20.66 -7.87
CA PHE A 61 -29.27 -20.47 -6.43
C PHE A 61 -29.34 -21.79 -5.68
N VAL A 62 -28.40 -21.98 -4.76
CA VAL A 62 -28.52 -22.98 -3.71
C VAL A 62 -28.15 -22.40 -2.35
N GLU A 63 -29.17 -22.13 -1.56
CA GLU A 63 -29.02 -21.36 -0.32
C GLU A 63 -28.54 -22.23 0.82
N LEU A 64 -27.50 -21.76 1.50
CA LEU A 64 -26.89 -22.50 2.59
C LEU A 64 -27.16 -21.82 3.93
N ASP A 65 -27.39 -22.63 4.96
CA ASP A 65 -27.79 -22.11 6.27
C ASP A 65 -29.01 -21.21 6.16
N GLU A 66 -30.06 -21.71 5.50
CA GLU A 66 -31.31 -20.97 5.39
C GLU A 66 -32.10 -21.03 6.69
N PHE A 67 -31.81 -22.03 7.50
CA PHE A 67 -32.49 -22.19 8.78
C PHE A 67 -31.52 -21.98 9.94
N ALA A 68 -30.61 -21.02 9.75
CA ALA A 68 -29.75 -20.54 10.82
C ALA A 68 -30.53 -19.69 11.82
N ARG A 69 -30.09 -19.74 13.07
CA ARG A 69 -30.68 -18.95 14.14
C ARG A 69 -29.64 -18.58 15.19
N HIS A 70 -29.75 -17.36 15.71
CA HIS A 70 -28.79 -16.83 16.65
C HIS A 70 -28.86 -17.56 17.97
N ARG A 71 -27.84 -17.38 18.80
CA ARG A 71 -27.78 -18.03 20.11
C ARG A 71 -27.39 -17.05 21.23
N SER A 72 -27.73 -15.79 21.02
CA SER A 72 -27.52 -14.73 21.99
C SER A 72 -28.76 -14.47 22.86
N THR A 73 -28.58 -14.52 24.17
CA THR A 73 -29.63 -14.13 25.11
C THR A 73 -29.27 -12.86 25.91
N ASN A 74 -28.52 -11.98 25.25
CA ASN A 74 -28.21 -10.66 25.78
C ASN A 74 -29.21 -9.61 25.31
N PHE A 75 -29.63 -8.76 26.25
CA PHE A 75 -30.51 -7.65 25.95
C PHE A 75 -31.77 -8.12 25.24
N GLY A 76 -32.34 -9.20 25.72
CA GLY A 76 -33.54 -9.77 25.13
C GLY A 76 -33.48 -9.74 23.62
N LEU A 77 -32.38 -10.22 23.07
CA LEU A 77 -32.25 -10.47 21.64
C LEU A 77 -32.74 -11.89 21.31
N ASP A 78 -32.99 -12.68 22.34
CA ASP A 78 -33.46 -14.06 22.18
C ASP A 78 -34.98 -14.07 22.25
N ALA A 79 -35.59 -12.90 22.14
CA ALA A 79 -37.04 -12.81 21.96
C ALA A 79 -37.44 -13.28 20.57
N ASN A 80 -36.64 -12.93 19.57
CA ASN A 80 -36.86 -13.40 18.21
C ASN A 80 -35.59 -14.01 17.61
N ARG A 81 -35.71 -15.22 17.08
CA ARG A 81 -34.61 -15.80 16.33
C ARG A 81 -35.03 -16.09 14.89
N PRO A 82 -34.96 -15.07 14.05
CA PRO A 82 -35.25 -15.21 12.62
C PRO A 82 -34.39 -16.28 11.96
N TYR A 83 -35.01 -17.12 11.13
CA TYR A 83 -34.25 -18.04 10.29
C TYR A 83 -33.39 -17.28 9.29
N GLY A 84 -32.12 -17.67 9.18
CA GLY A 84 -31.16 -17.01 8.31
C GLY A 84 -30.21 -16.10 9.08
N ASP A 85 -30.73 -15.55 10.18
CA ASP A 85 -29.98 -14.65 11.02
C ASP A 85 -29.51 -13.44 10.22
N GLY A 86 -30.40 -12.86 9.41
CA GLY A 86 -30.14 -11.58 8.79
C GLY A 86 -29.03 -11.54 7.75
N VAL A 87 -28.86 -12.68 7.07
CA VAL A 87 -28.08 -12.73 5.84
C VAL A 87 -28.48 -13.95 4.99
N VAL A 88 -28.43 -13.75 3.68
CA VAL A 88 -28.74 -14.78 2.70
C VAL A 88 -27.48 -15.23 1.98
N THR A 89 -27.14 -16.51 2.15
CA THR A 89 -25.86 -17.03 1.67
C THR A 89 -26.05 -18.32 0.88
N GLY A 90 -25.18 -18.53 -0.10
CA GLY A 90 -25.08 -19.77 -0.85
C GLY A 90 -24.26 -19.70 -2.12
N TYR A 91 -24.62 -20.52 -3.11
CA TYR A 91 -23.80 -20.71 -4.29
C TYR A 91 -24.66 -20.90 -5.54
N GLY A 92 -24.14 -20.41 -6.67
CA GLY A 92 -24.73 -20.67 -7.97
C GLY A 92 -23.82 -20.25 -9.12
N THR A 93 -24.42 -19.67 -10.15
CA THR A 93 -23.71 -19.35 -11.39
C THR A 93 -24.05 -17.95 -11.93
N VAL A 94 -23.01 -17.20 -12.29
CA VAL A 94 -23.16 -15.94 -13.01
C VAL A 94 -22.55 -16.03 -14.39
N ASP A 95 -23.40 -16.03 -15.40
CA ASP A 95 -22.97 -16.24 -16.78
C ASP A 95 -22.47 -17.66 -16.98
N GLY A 96 -23.03 -18.62 -16.25
CA GLY A 96 -22.57 -20.00 -16.31
C GLY A 96 -21.14 -20.20 -15.83
N ARG A 97 -20.78 -19.47 -14.79
CA ARG A 97 -19.56 -19.71 -14.04
C ARG A 97 -19.82 -19.59 -12.54
N PRO A 98 -19.23 -20.51 -11.78
CA PRO A 98 -19.53 -20.63 -10.35
C PRO A 98 -19.28 -19.33 -9.60
N VAL A 99 -20.06 -19.07 -8.56
CA VAL A 99 -19.78 -17.90 -7.73
C VAL A 99 -20.63 -17.89 -6.47
N ALA A 100 -19.94 -17.69 -5.35
CA ALA A 100 -20.54 -17.74 -4.03
C ALA A 100 -20.88 -16.34 -3.56
N VAL A 101 -22.03 -16.22 -2.91
CA VAL A 101 -22.64 -14.92 -2.65
C VAL A 101 -23.26 -14.82 -1.26
N PHE A 102 -23.06 -13.68 -0.61
CA PHE A 102 -23.86 -13.30 0.55
C PHE A 102 -24.61 -12.00 0.32
N SER A 103 -25.83 -11.91 0.86
CA SER A 103 -26.63 -10.70 0.80
C SER A 103 -27.19 -10.34 2.17
N GLN A 104 -26.61 -9.32 2.79
CA GLN A 104 -27.06 -8.87 4.10
C GLN A 104 -28.49 -8.35 4.05
N ASP A 105 -29.28 -8.70 5.06
CA ASP A 105 -30.70 -8.35 5.09
C ASP A 105 -30.96 -7.22 6.08
N PHE A 106 -31.21 -6.04 5.55
CA PHE A 106 -31.43 -4.84 6.35
C PHE A 106 -32.74 -4.94 7.12
N THR A 107 -33.67 -5.71 6.58
CA THR A 107 -34.96 -5.94 7.23
C THR A 107 -34.76 -6.59 8.60
N VAL A 108 -33.77 -7.48 8.69
CA VAL A 108 -33.59 -8.29 9.88
C VAL A 108 -32.55 -7.68 10.82
N PHE A 109 -33.03 -7.19 11.96
CA PHE A 109 -32.17 -6.56 12.96
C PHE A 109 -31.40 -5.40 12.36
N GLY A 110 -32.05 -4.63 11.49
CA GLY A 110 -31.40 -3.53 10.82
C GLY A 110 -30.25 -3.98 9.94
N GLY A 111 -30.12 -5.30 9.82
CA GLY A 111 -29.01 -5.89 9.10
C GLY A 111 -27.70 -5.90 9.86
N ALA A 112 -27.79 -5.65 11.16
CA ALA A 112 -26.60 -5.63 12.00
C ALA A 112 -25.93 -7.00 12.05
N LEU A 113 -24.61 -7.03 11.93
CA LEU A 113 -23.88 -8.28 11.97
C LEU A 113 -23.92 -8.90 13.36
N GLY A 114 -24.11 -10.22 13.40
CA GLY A 114 -23.95 -10.99 14.62
C GLY A 114 -23.02 -12.16 14.44
N GLU A 115 -22.96 -13.02 15.45
CA GLU A 115 -22.08 -14.18 15.42
C GLU A 115 -22.48 -15.15 14.32
N VAL A 116 -23.70 -15.67 14.38
CA VAL A 116 -24.18 -16.63 13.41
C VAL A 116 -24.12 -16.07 11.99
N TYR A 117 -24.69 -14.88 11.80
CA TYR A 117 -24.71 -14.24 10.49
C TYR A 117 -23.36 -13.68 10.08
N GLY A 118 -22.36 -13.85 10.94
CA GLY A 118 -20.98 -13.82 10.52
C GLY A 118 -20.49 -15.17 10.04
N GLN A 119 -20.79 -16.20 10.81
CA GLN A 119 -20.24 -17.54 10.57
C GLN A 119 -20.88 -18.18 9.35
N LYS A 120 -21.95 -17.57 8.85
CA LYS A 120 -22.49 -17.92 7.54
C LYS A 120 -21.61 -17.36 6.42
N ILE A 121 -21.13 -16.14 6.62
CA ILE A 121 -20.31 -15.46 5.62
C ILE A 121 -18.83 -15.82 5.75
N VAL A 122 -18.52 -16.70 6.72
CA VAL A 122 -17.34 -17.54 6.64
C VAL A 122 -17.58 -18.75 5.76
N LYS A 123 -18.68 -19.45 6.01
CA LYS A 123 -18.94 -20.73 5.35
C LYS A 123 -18.92 -20.56 3.83
N VAL A 124 -19.45 -19.44 3.36
CA VAL A 124 -19.44 -19.11 1.94
C VAL A 124 -18.01 -18.85 1.46
N MET A 125 -17.30 -18.00 2.18
CA MET A 125 -15.90 -17.70 1.89
C MET A 125 -15.09 -18.98 1.78
N ASP A 126 -15.14 -19.81 2.82
CA ASP A 126 -14.35 -21.03 2.89
C ASP A 126 -14.74 -22.01 1.79
N PHE A 127 -15.97 -21.88 1.30
CA PHE A 127 -16.44 -22.71 0.18
C PHE A 127 -15.94 -22.17 -1.15
N ALA A 128 -15.78 -20.85 -1.24
CA ALA A 128 -15.17 -20.25 -2.42
C ALA A 128 -13.69 -20.60 -2.51
N LEU A 129 -12.95 -20.28 -1.45
CA LEU A 129 -11.53 -20.60 -1.39
C LEU A 129 -11.27 -22.06 -1.74
N LYS A 130 -12.11 -22.94 -1.20
CA LYS A 130 -11.99 -24.37 -1.42
C LYS A 130 -12.14 -24.70 -2.91
N THR A 131 -13.25 -24.23 -3.48
CA THR A 131 -13.61 -24.61 -4.84
C THR A 131 -12.82 -23.78 -5.85
N GLY A 132 -12.34 -22.61 -5.42
CA GLY A 132 -11.73 -21.67 -6.35
C GLY A 132 -12.76 -20.91 -7.16
N CYS A 133 -13.60 -20.13 -6.49
CA CYS A 133 -14.62 -19.36 -7.19
C CYS A 133 -14.88 -18.01 -6.52
N PRO A 134 -15.26 -17.02 -7.32
CA PRO A 134 -15.47 -15.66 -6.85
C PRO A 134 -16.47 -15.56 -5.70
N VAL A 135 -16.24 -14.58 -4.83
CA VAL A 135 -17.23 -14.18 -3.83
C VAL A 135 -17.74 -12.76 -4.08
N VAL A 136 -19.05 -12.65 -4.28
CA VAL A 136 -19.70 -11.36 -4.49
C VAL A 136 -20.53 -10.97 -3.27
N GLY A 137 -19.99 -10.03 -2.49
CA GLY A 137 -20.57 -9.65 -1.22
C GLY A 137 -21.48 -8.44 -1.31
N ILE A 138 -22.77 -8.68 -1.15
CA ILE A 138 -23.78 -7.64 -1.11
C ILE A 138 -23.95 -7.11 0.31
N ASN A 139 -23.69 -5.82 0.44
CA ASN A 139 -23.62 -5.13 1.72
C ASN A 139 -24.75 -4.13 1.90
N ASP A 140 -25.39 -4.28 3.09
CA ASP A 140 -26.48 -3.42 3.50
C ASP A 140 -26.72 -3.69 4.97
N SER A 141 -25.94 -3.03 5.84
CA SER A 141 -26.08 -3.29 7.27
C SER A 141 -25.93 -2.01 8.08
N GLY A 142 -26.60 -1.96 9.23
CA GLY A 142 -26.49 -0.83 10.12
C GLY A 142 -25.15 -0.78 10.84
N GLY A 143 -24.56 -1.96 11.01
CA GLY A 143 -23.27 -2.09 11.65
C GLY A 143 -23.16 -3.38 12.44
N ALA A 144 -22.46 -3.32 13.57
CA ALA A 144 -22.39 -4.46 14.49
C ALA A 144 -23.68 -4.60 15.29
N ARG A 145 -24.08 -5.85 15.47
CA ARG A 145 -25.12 -6.26 16.39
C ARG A 145 -24.66 -6.08 17.83
N ILE A 146 -25.01 -4.94 18.40
CA ILE A 146 -24.46 -4.50 19.67
C ILE A 146 -24.87 -5.43 20.80
N GLN A 147 -26.07 -6.00 20.71
CA GLN A 147 -26.54 -6.93 21.74
C GLN A 147 -25.52 -8.04 22.00
N GLU A 148 -24.90 -8.52 20.92
CA GLU A 148 -23.94 -9.62 21.01
C GLU A 148 -22.52 -9.09 21.13
N GLY A 149 -22.38 -7.94 21.78
CA GLY A 149 -21.07 -7.45 22.20
C GLY A 149 -19.77 -7.68 21.46
N VAL A 150 -18.84 -8.36 22.13
CA VAL A 150 -17.59 -8.73 21.50
C VAL A 150 -17.79 -9.83 20.46
N ALA A 151 -18.82 -10.65 20.67
CA ALA A 151 -19.10 -11.75 19.75
C ALA A 151 -19.13 -11.27 18.30
N SER A 152 -19.81 -10.15 18.07
CA SER A 152 -20.03 -9.65 16.72
C SER A 152 -18.86 -8.84 16.17
N LEU A 153 -17.86 -8.60 17.01
CA LEU A 153 -16.53 -8.23 16.55
C LEU A 153 -15.75 -9.45 16.09
N GLY A 154 -15.74 -10.48 16.91
CA GLY A 154 -14.99 -11.70 16.60
C GLY A 154 -15.39 -12.27 15.25
N ALA A 155 -16.63 -12.03 14.85
CA ALA A 155 -17.12 -12.47 13.55
C ALA A 155 -16.48 -11.66 12.43
N TYR A 156 -16.48 -10.35 12.60
CA TYR A 156 -15.82 -9.45 11.67
C TYR A 156 -14.37 -9.82 11.45
N GLY A 157 -13.65 -10.10 12.54
CA GLY A 157 -12.24 -10.45 12.43
C GLY A 157 -11.99 -11.65 11.54
N GLU A 158 -12.83 -12.68 11.70
CA GLU A 158 -12.64 -13.94 11.00
C GLU A 158 -13.05 -13.82 9.53
N ILE A 159 -13.85 -12.82 9.21
CA ILE A 159 -14.02 -12.40 7.82
C ILE A 159 -12.76 -11.71 7.28
N PHE A 160 -12.23 -10.76 8.06
CA PHE A 160 -11.14 -9.91 7.60
C PHE A 160 -9.80 -10.66 7.57
N ARG A 161 -9.77 -11.85 8.15
CA ARG A 161 -8.63 -12.74 7.97
C ARG A 161 -8.76 -13.53 6.66
N ARG A 162 -9.99 -13.92 6.33
CA ARG A 162 -10.25 -14.68 5.12
C ARG A 162 -10.64 -13.81 3.93
N ASN A 163 -10.58 -12.49 4.10
CA ASN A 163 -10.47 -11.59 2.95
C ASN A 163 -9.03 -11.37 2.54
N THR A 164 -8.14 -11.38 3.53
CA THR A 164 -6.70 -11.26 3.26
C THR A 164 -6.14 -12.56 2.69
N HIS A 165 -6.54 -13.68 3.26
CA HIS A 165 -6.06 -14.98 2.80
C HIS A 165 -6.44 -15.21 1.35
N ALA A 166 -7.68 -14.84 0.99
CA ALA A 166 -8.14 -14.94 -0.38
C ALA A 166 -7.37 -14.02 -1.33
N SER A 167 -6.95 -12.87 -0.79
CA SER A 167 -6.60 -11.72 -1.61
C SER A 167 -5.58 -12.08 -2.68
N GLY A 168 -5.98 -11.97 -3.95
CA GLY A 168 -5.10 -12.35 -5.05
C GLY A 168 -5.30 -13.78 -5.51
N VAL A 169 -6.13 -14.53 -4.80
CA VAL A 169 -6.39 -15.92 -5.15
C VAL A 169 -7.72 -16.05 -5.90
N ILE A 170 -8.81 -15.60 -5.28
CA ILE A 170 -10.12 -15.70 -5.90
C ILE A 170 -10.89 -14.38 -5.81
N PRO A 171 -11.35 -13.88 -6.95
CA PRO A 171 -11.86 -12.51 -6.98
C PRO A 171 -12.95 -12.24 -5.96
N GLN A 172 -12.77 -11.11 -5.27
CA GLN A 172 -13.71 -10.64 -4.26
C GLN A 172 -14.31 -9.30 -4.65
N ILE A 173 -15.61 -9.28 -4.91
CA ILE A 173 -16.30 -8.07 -5.31
C ILE A 173 -17.37 -7.67 -4.31
N SER A 174 -17.25 -6.46 -3.77
CA SER A 174 -18.20 -5.92 -2.81
C SER A 174 -19.23 -4.99 -3.46
N LEU A 175 -20.50 -5.34 -3.35
CA LEU A 175 -21.56 -4.49 -3.87
C LEU A 175 -22.31 -3.79 -2.74
N VAL A 176 -21.99 -2.51 -2.53
CA VAL A 176 -22.49 -1.76 -1.41
C VAL A 176 -23.79 -1.04 -1.77
N VAL A 177 -24.87 -1.40 -1.08
CA VAL A 177 -26.22 -1.08 -1.53
C VAL A 177 -27.00 -0.49 -0.37
N GLY A 178 -26.27 -0.14 0.69
CA GLY A 178 -26.86 0.16 1.98
C GLY A 178 -25.97 1.04 2.84
N PRO A 179 -25.92 0.73 4.13
CA PRO A 179 -24.85 1.21 5.03
C PRO A 179 -23.75 0.17 5.28
N CYS A 180 -22.52 0.68 5.34
CA CYS A 180 -21.37 -0.06 5.83
C CYS A 180 -20.57 0.83 6.80
N ALA A 181 -20.79 0.58 8.09
CA ALA A 181 -20.42 1.53 9.13
C ALA A 181 -19.62 0.86 10.23
N GLY A 182 -18.67 1.59 10.78
CA GLY A 182 -17.76 1.04 11.78
C GLY A 182 -16.62 0.26 11.15
N GLY A 183 -16.07 -0.68 11.92
CA GLY A 183 -15.04 -1.58 11.42
C GLY A 183 -15.45 -2.25 10.13
N ALA A 184 -16.72 -2.60 10.01
CA ALA A 184 -17.23 -3.30 8.85
C ALA A 184 -16.50 -2.87 7.57
N VAL A 185 -16.30 -1.57 7.42
CA VAL A 185 -15.86 -1.01 6.15
C VAL A 185 -14.55 -1.65 5.69
N TYR A 186 -13.82 -2.24 6.64
CA TYR A 186 -12.50 -2.82 6.32
C TYR A 186 -12.57 -4.29 5.87
N SER A 187 -13.78 -4.76 5.57
CA SER A 187 -13.99 -5.94 4.74
C SER A 187 -14.01 -5.58 3.27
N PRO A 188 -14.94 -4.70 2.89
CA PRO A 188 -15.08 -4.28 1.49
C PRO A 188 -13.82 -3.58 0.99
N ALA A 189 -13.04 -3.03 1.91
CA ALA A 189 -11.76 -2.39 1.58
C ALA A 189 -10.77 -3.40 1.02
N ILE A 190 -10.52 -4.47 1.77
CA ILE A 190 -9.65 -5.55 1.30
C ILE A 190 -10.03 -6.00 -0.11
N THR A 191 -11.33 -6.12 -0.35
CA THR A 191 -11.88 -6.69 -1.59
C THR A 191 -11.50 -5.93 -2.87
N ASP A 192 -11.33 -6.67 -3.95
CA ASP A 192 -10.77 -6.11 -5.19
C ASP A 192 -11.50 -4.85 -5.63
N PHE A 193 -12.82 -4.95 -5.76
CA PHE A 193 -13.62 -3.93 -6.43
C PHE A 193 -14.92 -3.68 -5.68
N THR A 194 -15.12 -2.42 -5.29
CA THR A 194 -16.34 -1.97 -4.63
C THR A 194 -17.26 -1.18 -5.58
N VAL A 195 -18.53 -1.60 -5.59
CA VAL A 195 -19.58 -0.92 -6.35
C VAL A 195 -20.60 -0.30 -5.39
N MET A 196 -20.91 0.97 -5.63
CA MET A 196 -21.75 1.75 -4.73
C MET A 196 -22.74 2.59 -5.53
N VAL A 197 -23.95 2.72 -4.99
CA VAL A 197 -25.09 3.21 -5.76
C VAL A 197 -25.56 4.56 -5.21
N ASP A 198 -25.56 5.56 -6.09
CA ASP A 198 -25.77 6.95 -5.67
C ASP A 198 -26.95 7.06 -4.71
N GLN A 199 -26.80 7.89 -3.68
CA GLN A 199 -27.94 8.31 -2.87
C GLN A 199 -28.63 7.24 -2.06
N THR A 200 -28.14 6.01 -2.14
CA THR A 200 -28.73 4.95 -1.31
C THR A 200 -27.71 3.93 -0.79
N SER A 201 -26.45 4.34 -0.72
CA SER A 201 -25.40 3.52 -0.13
C SER A 201 -24.29 4.37 0.46
N HIS A 202 -23.88 4.03 1.68
CA HIS A 202 -22.97 4.88 2.45
C HIS A 202 -21.92 4.05 3.19
N MET A 203 -20.69 4.56 3.19
CA MET A 203 -19.62 4.00 4.01
C MET A 203 -19.00 5.04 4.95
N PHE A 204 -18.66 4.60 6.15
CA PHE A 204 -18.08 5.47 7.18
C PHE A 204 -17.56 4.67 8.38
N ILE A 205 -16.33 4.97 8.79
CA ILE A 205 -15.77 4.39 10.00
C ILE A 205 -16.37 5.02 11.24
N THR A 206 -16.72 6.30 11.15
CA THR A 206 -17.21 7.04 12.31
C THR A 206 -18.34 7.99 11.94
N GLY A 207 -19.50 7.80 12.59
CA GLY A 207 -20.70 8.50 12.22
C GLY A 207 -20.65 10.01 12.42
N PRO A 208 -21.54 10.72 11.74
CA PRO A 208 -21.57 12.19 11.82
C PRO A 208 -21.80 12.65 13.26
N ASP A 209 -22.62 11.92 14.00
CA ASP A 209 -22.87 12.21 15.40
C ASP A 209 -21.57 12.39 16.17
N VAL A 210 -20.78 11.32 16.24
CA VAL A 210 -19.47 11.36 16.85
C VAL A 210 -18.71 12.62 16.42
N ILE A 211 -18.49 12.74 15.12
CA ILE A 211 -17.49 13.67 14.60
C ILE A 211 -17.94 15.12 14.81
N LYS A 212 -19.22 15.30 15.08
CA LYS A 212 -19.71 16.53 15.68
C LYS A 212 -19.10 16.76 17.06
N THR A 213 -19.46 15.90 18.01
CA THR A 213 -19.14 16.13 19.41
C THR A 213 -17.69 15.75 19.74
N VAL A 214 -16.92 15.44 18.70
CA VAL A 214 -15.48 15.35 18.82
C VAL A 214 -14.85 16.61 18.26
N THR A 215 -15.31 17.01 17.08
CA THR A 215 -14.52 17.83 16.19
C THR A 215 -15.38 18.99 15.76
N GLY A 216 -16.52 19.15 16.42
CA GLY A 216 -17.29 20.38 16.32
C GLY A 216 -17.77 20.60 14.90
N GLU A 217 -17.46 19.64 14.04
CA GLU A 217 -17.76 19.77 12.62
C GLU A 217 -19.11 19.13 12.29
N ASP A 218 -19.88 19.80 11.44
CA ASP A 218 -21.24 19.33 11.15
C ASP A 218 -21.38 18.85 9.72
N VAL A 219 -21.78 17.59 9.55
CA VAL A 219 -21.68 16.92 8.26
C VAL A 219 -22.77 15.88 8.08
N GLY A 220 -23.37 15.87 6.90
CA GLY A 220 -24.38 14.89 6.56
C GLY A 220 -23.77 13.56 6.16
N PHE A 221 -24.62 12.53 6.14
CA PHE A 221 -24.21 11.20 5.73
C PHE A 221 -23.73 11.18 4.29
N GLU A 222 -24.50 11.79 3.41
CA GLU A 222 -24.20 11.80 1.98
C GLU A 222 -22.79 12.34 1.72
N GLU A 223 -22.50 13.50 2.30
CA GLU A 223 -21.20 14.14 2.13
C GLU A 223 -20.10 13.33 2.82
N LEU A 224 -20.41 12.86 4.03
CA LEU A 224 -19.45 12.11 4.83
C LEU A 224 -18.91 10.90 4.07
N GLY A 225 -19.85 10.01 3.74
CA GLY A 225 -19.56 8.82 2.96
C GLY A 225 -20.48 8.29 1.88
N GLY A 226 -21.10 9.17 1.12
CA GLY A 226 -22.02 8.73 0.09
C GLY A 226 -21.29 8.34 -1.17
N ALA A 227 -22.00 7.61 -2.03
CA ALA A 227 -21.42 7.00 -3.20
C ALA A 227 -20.41 7.92 -3.87
N ARG A 228 -20.89 9.07 -4.33
CA ARG A 228 -20.07 10.03 -5.05
C ARG A 228 -18.80 10.34 -4.27
N THR A 229 -18.96 10.52 -2.96
CA THR A 229 -17.85 10.92 -2.09
C THR A 229 -16.80 9.83 -1.98
N HIS A 230 -17.22 8.57 -2.08
CA HIS A 230 -16.28 7.46 -2.09
C HIS A 230 -15.64 7.30 -3.47
N ASN A 231 -16.44 7.52 -4.51
CA ASN A 231 -15.97 7.40 -5.88
C ASN A 231 -14.94 8.45 -6.23
N SER A 232 -15.26 9.72 -5.98
CA SER A 232 -14.44 10.82 -6.46
C SER A 232 -13.28 11.16 -5.51
N THR A 233 -13.57 11.17 -4.21
CA THR A 233 -12.71 11.85 -3.25
C THR A 233 -11.78 10.87 -2.54
N SER A 234 -12.37 9.92 -1.83
CA SER A 234 -11.63 9.01 -0.98
C SER A 234 -10.72 8.11 -1.80
N GLY A 235 -11.19 7.68 -2.97
CA GLY A 235 -10.48 6.70 -3.77
C GLY A 235 -10.74 5.28 -3.30
N VAL A 236 -11.71 5.16 -2.41
CA VAL A 236 -12.24 3.88 -1.88
C VAL A 236 -13.10 2.95 -2.78
N ALA A 237 -14.07 3.52 -3.49
CA ALA A 237 -14.96 2.78 -4.35
C ALA A 237 -14.48 2.80 -5.79
N HIS A 238 -15.00 1.86 -6.58
CA HIS A 238 -14.63 1.75 -7.98
C HIS A 238 -15.68 2.43 -8.87
N HIS A 239 -16.95 2.18 -8.56
CA HIS A 239 -18.05 2.60 -9.43
C HIS A 239 -19.21 3.19 -8.62
N MET A 240 -19.92 4.12 -9.23
CA MET A 240 -21.16 4.65 -8.66
C MET A 240 -22.29 4.61 -9.67
N ALA A 241 -23.12 3.58 -9.55
CA ALA A 241 -24.19 3.33 -10.52
C ALA A 241 -25.47 4.05 -10.11
N GLY A 242 -26.28 4.44 -11.10
CA GLY A 242 -27.45 5.25 -10.81
C GLY A 242 -28.45 4.49 -9.96
N ASP A 243 -28.60 3.20 -10.25
CA ASP A 243 -29.50 2.33 -9.51
C ASP A 243 -28.90 0.96 -9.24
N GLU A 244 -29.54 0.18 -8.39
CA GLU A 244 -29.06 -1.16 -8.05
C GLU A 244 -28.89 -2.02 -9.32
N LYS A 245 -29.95 -2.08 -10.12
CA LYS A 245 -29.94 -2.89 -11.34
C LYS A 245 -28.66 -2.68 -12.13
N ASP A 246 -28.37 -1.43 -12.46
CA ASP A 246 -27.06 -1.07 -13.01
C ASP A 246 -25.92 -1.73 -12.24
N ALA A 247 -25.87 -1.44 -10.94
CA ALA A 247 -24.75 -1.88 -10.11
C ALA A 247 -24.52 -3.38 -10.24
N VAL A 248 -25.59 -4.15 -10.19
CA VAL A 248 -25.52 -5.60 -10.36
C VAL A 248 -24.94 -5.95 -11.73
N GLU A 249 -25.35 -5.20 -12.75
CA GLU A 249 -24.86 -5.42 -14.10
C GLU A 249 -23.36 -5.09 -14.20
N TYR A 250 -22.92 -4.07 -13.49
CA TYR A 250 -21.50 -3.73 -13.48
C TYR A 250 -20.70 -4.86 -12.83
N VAL A 251 -21.25 -5.44 -11.77
CA VAL A 251 -20.58 -6.53 -11.07
C VAL A 251 -20.40 -7.76 -11.97
N LYS A 252 -21.43 -8.07 -12.76
CA LYS A 252 -21.36 -9.15 -13.73
C LYS A 252 -20.36 -8.84 -14.84
N GLN A 253 -20.18 -7.56 -15.14
CA GLN A 253 -19.19 -7.13 -16.11
C GLN A 253 -17.77 -7.33 -15.59
N LEU A 254 -17.56 -7.03 -14.31
CA LEU A 254 -16.26 -7.23 -13.67
C LEU A 254 -15.84 -8.71 -13.63
N LEU A 255 -16.80 -9.58 -13.31
CA LEU A 255 -16.53 -11.02 -13.31
C LEU A 255 -16.13 -11.51 -14.70
N SER A 256 -16.81 -10.99 -15.71
CA SER A 256 -16.57 -11.38 -17.10
C SER A 256 -15.08 -11.34 -17.41
N TYR A 257 -14.39 -10.27 -16.97
CA TYR A 257 -13.00 -10.06 -17.35
C TYR A 257 -12.03 -10.94 -16.57
N LEU A 258 -12.47 -11.41 -15.41
CA LEU A 258 -11.60 -12.13 -14.48
C LEU A 258 -11.78 -13.64 -14.60
N PRO A 259 -10.72 -14.38 -14.27
CA PRO A 259 -10.83 -15.82 -14.05
C PRO A 259 -11.53 -16.14 -12.74
N SER A 260 -11.95 -17.39 -12.58
CA SER A 260 -12.63 -17.81 -11.36
C SER A 260 -11.67 -17.81 -10.16
N ASN A 261 -10.41 -18.10 -10.45
CA ASN A 261 -9.36 -18.07 -9.44
C ASN A 261 -7.97 -18.00 -10.09
N ASN A 262 -6.98 -17.63 -9.30
CA ASN A 262 -5.65 -17.36 -9.82
C ASN A 262 -4.90 -18.63 -10.17
N LEU A 263 -5.58 -19.57 -10.81
CA LEU A 263 -4.92 -20.77 -11.33
C LEU A 263 -5.37 -20.99 -12.75
N SER A 264 -6.39 -20.22 -13.15
CA SER A 264 -6.81 -20.15 -14.54
C SER A 264 -6.67 -18.77 -15.16
N GLU A 265 -6.60 -18.75 -16.49
CA GLU A 265 -6.40 -17.53 -17.23
C GLU A 265 -7.73 -17.02 -17.79
N PRO A 266 -7.86 -15.69 -17.86
CA PRO A 266 -9.18 -15.06 -17.79
C PRO A 266 -10.08 -15.48 -18.94
N PRO A 267 -11.37 -15.63 -18.67
CA PRO A 267 -12.22 -16.28 -19.66
C PRO A 267 -12.08 -15.56 -20.98
N ALA A 268 -11.84 -16.38 -21.99
CA ALA A 268 -11.72 -15.98 -23.40
C ALA A 268 -12.88 -16.47 -24.28
N PHE A 269 -13.19 -15.70 -25.32
CA PHE A 269 -13.88 -16.19 -26.50
C PHE A 269 -13.08 -15.88 -27.77
N PRO A 270 -12.08 -16.72 -28.03
CA PRO A 270 -11.09 -16.37 -29.03
C PRO A 270 -11.75 -16.12 -30.37
N GLU A 271 -11.36 -14.98 -30.91
CA GLU A 271 -11.66 -14.56 -32.26
C GLU A 271 -10.30 -14.32 -32.83
N GLU A 272 -10.17 -14.43 -34.13
CA GLU A 272 -8.94 -13.91 -34.73
C GLU A 272 -9.19 -12.61 -35.48
N ALA A 273 -8.47 -11.57 -35.10
CA ALA A 273 -8.76 -10.22 -35.60
C ALA A 273 -8.18 -10.02 -37.00
N ASP A 274 -8.88 -9.25 -37.81
CA ASP A 274 -8.44 -8.96 -39.18
C ASP A 274 -7.51 -7.74 -39.20
N LEU A 275 -6.21 -7.99 -39.34
CA LEU A 275 -5.21 -6.93 -39.14
C LEU A 275 -4.80 -6.26 -40.45
N ALA A 276 -5.77 -6.06 -41.33
CA ALA A 276 -5.66 -5.05 -42.38
C ALA A 276 -6.10 -3.68 -41.88
N VAL A 277 -5.45 -2.63 -42.38
CA VAL A 277 -5.49 -1.32 -41.76
C VAL A 277 -6.82 -0.62 -42.05
N THR A 278 -7.70 -0.63 -41.06
CA THR A 278 -9.06 -0.16 -41.25
C THR A 278 -9.06 1.34 -41.45
N ASP A 279 -10.24 1.92 -41.46
CA ASP A 279 -10.37 3.38 -41.48
C ASP A 279 -10.51 3.89 -40.05
N GLU A 280 -10.76 2.98 -39.12
CA GLU A 280 -10.61 3.28 -37.70
C GLU A 280 -9.14 3.41 -37.33
N ASP A 281 -8.37 2.40 -37.72
CA ASP A 281 -6.94 2.38 -37.51
C ASP A 281 -6.31 3.71 -37.92
N ALA A 282 -6.59 4.14 -39.14
CA ALA A 282 -5.94 5.31 -39.71
C ALA A 282 -6.12 6.52 -38.79
N GLU A 283 -7.29 6.61 -38.18
CA GLU A 283 -7.66 7.78 -37.40
C GLU A 283 -6.61 8.08 -36.33
N LEU A 284 -5.90 7.05 -35.91
CA LEU A 284 -4.86 7.20 -34.93
C LEU A 284 -3.82 8.13 -35.51
N ASP A 285 -3.60 7.99 -36.81
CA ASP A 285 -2.46 8.65 -37.43
C ASP A 285 -2.63 10.16 -37.39
N THR A 286 -3.78 10.62 -36.89
CA THR A 286 -4.09 12.04 -36.83
C THR A 286 -4.24 12.59 -35.40
N ILE A 287 -4.72 11.73 -34.50
CA ILE A 287 -5.44 12.19 -33.32
C ILE A 287 -4.47 12.65 -32.23
N VAL A 288 -3.22 12.85 -32.63
CA VAL A 288 -2.29 13.67 -31.86
C VAL A 288 -2.09 15.03 -32.53
N PRO A 289 -2.72 16.06 -31.96
CA PRO A 289 -2.73 17.39 -32.56
C PRO A 289 -1.31 17.88 -32.84
N ASP A 290 -1.22 18.88 -33.72
CA ASP A 290 0.02 19.56 -34.03
C ASP A 290 0.58 20.28 -32.80
N SER A 291 -0.28 20.92 -32.02
CA SER A 291 0.25 21.62 -30.85
C SER A 291 0.47 20.68 -29.68
N ALA A 292 1.66 20.69 -29.09
CA ALA A 292 1.95 19.82 -27.94
C ALA A 292 0.89 19.96 -26.82
N ASN A 293 0.53 21.22 -26.60
CA ASN A 293 -0.47 21.66 -25.62
C ASN A 293 -1.91 21.22 -25.87
N GLN A 294 -2.39 21.32 -27.12
CA GLN A 294 -3.73 20.80 -27.36
C GLN A 294 -3.87 19.37 -26.83
N PRO A 295 -4.90 19.18 -26.00
CA PRO A 295 -5.24 17.85 -25.50
C PRO A 295 -6.06 17.03 -26.50
N TYR A 296 -6.09 15.72 -26.29
CA TYR A 296 -6.91 14.83 -27.09
C TYR A 296 -7.26 13.56 -26.31
N ASP A 297 -8.53 13.17 -26.37
CA ASP A 297 -9.08 12.20 -25.45
C ASP A 297 -8.45 10.83 -25.62
N MET A 298 -7.77 10.35 -24.57
CA MET A 298 -7.11 9.06 -24.62
C MET A 298 -8.11 7.92 -24.72
N HIS A 299 -9.34 8.19 -24.27
CA HIS A 299 -10.44 7.24 -24.39
C HIS A 299 -10.61 6.72 -25.81
N SER A 300 -10.30 7.59 -26.78
CA SER A 300 -10.26 7.19 -28.18
C SER A 300 -9.17 6.16 -28.43
N VAL A 301 -7.94 6.47 -28.03
CA VAL A 301 -6.79 5.65 -28.37
C VAL A 301 -6.93 4.25 -27.79
N ILE A 302 -7.50 4.18 -26.59
CA ILE A 302 -7.96 2.93 -26.02
C ILE A 302 -8.90 2.24 -26.99
N GLU A 303 -10.06 2.87 -27.24
CA GLU A 303 -11.18 2.16 -27.84
C GLU A 303 -10.87 1.75 -29.27
N HIS A 304 -9.97 2.52 -29.89
CA HIS A 304 -9.36 2.13 -31.14
C HIS A 304 -8.87 0.69 -31.06
N VAL A 305 -8.05 0.38 -30.06
CA VAL A 305 -7.27 -0.86 -30.08
C VAL A 305 -8.10 -2.09 -29.69
N LEU A 306 -9.08 -1.88 -28.81
CA LEU A 306 -9.82 -2.98 -28.23
C LEU A 306 -10.86 -3.56 -29.20
N ASP A 307 -11.36 -4.75 -28.86
CA ASP A 307 -12.52 -5.34 -29.50
C ASP A 307 -13.72 -4.42 -29.46
N ASP A 308 -14.38 -4.25 -30.60
CA ASP A 308 -15.64 -3.53 -30.68
C ASP A 308 -15.54 -2.16 -29.99
N ALA A 309 -14.31 -1.67 -29.87
CA ALA A 309 -14.08 -0.34 -29.31
C ALA A 309 -14.64 -0.23 -27.89
N GLU A 310 -14.72 -1.38 -27.23
CA GLU A 310 -15.32 -1.49 -25.90
C GLU A 310 -14.27 -1.32 -24.80
N PHE A 311 -14.44 -0.23 -24.05
CA PHE A 311 -13.68 0.01 -22.83
C PHE A 311 -14.60 0.07 -21.61
N PHE A 312 -14.27 -0.79 -20.64
CA PHE A 312 -15.00 -0.91 -19.38
C PHE A 312 -14.20 -0.27 -18.26
N GLU A 313 -14.42 1.02 -18.07
CA GLU A 313 -13.60 1.84 -17.17
C GLU A 313 -14.03 1.72 -15.72
N THR A 314 -13.00 1.71 -14.86
CA THR A 314 -13.05 1.66 -13.41
C THR A 314 -12.73 3.05 -12.82
N GLN A 315 -13.27 3.35 -11.67
CA GLN A 315 -12.81 4.52 -10.92
C GLN A 315 -12.76 5.76 -11.81
N PRO A 316 -13.75 5.95 -12.67
CA PRO A 316 -13.72 7.10 -13.59
C PRO A 316 -13.63 8.42 -12.81
N LEU A 317 -14.41 8.54 -11.74
CA LEU A 317 -14.58 9.83 -11.07
C LEU A 317 -13.36 10.21 -10.22
N PHE A 318 -12.49 9.23 -10.01
CA PHE A 318 -11.34 9.37 -9.13
C PHE A 318 -10.04 9.39 -9.92
N ALA A 319 -9.28 10.46 -9.76
CA ALA A 319 -8.05 10.66 -10.54
C ALA A 319 -8.33 10.50 -12.03
N PRO A 320 -9.03 11.47 -12.61
CA PRO A 320 -9.35 11.45 -14.05
C PRO A 320 -8.08 11.53 -14.91
N ASN A 321 -6.98 11.99 -14.31
CA ASN A 321 -5.74 12.19 -15.04
C ASN A 321 -5.07 10.87 -15.42
N ILE A 322 -5.64 9.77 -14.94
CA ILE A 322 -5.24 8.44 -15.38
C ILE A 322 -6.45 7.51 -15.52
N LEU A 323 -6.39 6.65 -16.52
CA LEU A 323 -7.54 5.85 -16.94
C LEU A 323 -7.27 4.36 -16.78
N THR A 324 -8.09 3.70 -15.96
CA THR A 324 -7.94 2.28 -15.72
C THR A 324 -9.25 1.53 -16.01
N GLY A 325 -9.12 0.35 -16.61
CA GLY A 325 -10.24 -0.54 -16.84
C GLY A 325 -9.88 -1.77 -17.66
N PHE A 326 -10.89 -2.34 -18.30
CA PHE A 326 -10.79 -3.63 -18.94
C PHE A 326 -11.39 -3.60 -20.35
N GLY A 327 -10.90 -4.47 -21.23
CA GLY A 327 -11.66 -4.83 -22.39
C GLY A 327 -11.28 -6.19 -22.93
N ARG A 328 -11.10 -6.25 -24.25
CA ARG A 328 -10.76 -7.49 -24.95
C ARG A 328 -9.91 -7.26 -26.21
N VAL A 329 -8.96 -8.15 -26.44
CA VAL A 329 -8.19 -8.17 -27.68
C VAL A 329 -8.11 -9.58 -28.25
N GLU A 330 -8.88 -9.83 -29.30
CA GLU A 330 -9.02 -11.17 -29.86
C GLU A 330 -9.96 -12.03 -29.02
N GLY A 331 -10.78 -11.39 -28.20
CA GLY A 331 -11.67 -12.10 -27.31
C GLY A 331 -11.09 -12.42 -25.95
N ARG A 332 -9.86 -11.97 -25.72
CA ARG A 332 -9.16 -12.19 -24.45
C ARG A 332 -9.07 -10.90 -23.64
N PRO A 333 -9.43 -11.02 -22.36
CA PRO A 333 -9.33 -9.91 -21.41
C PRO A 333 -7.97 -9.22 -21.42
N VAL A 334 -8.00 -7.91 -21.22
CA VAL A 334 -6.79 -7.12 -21.03
C VAL A 334 -7.06 -5.90 -20.16
N GLY A 335 -6.08 -5.56 -19.34
CA GLY A 335 -6.17 -4.42 -18.45
C GLY A 335 -5.44 -3.20 -18.99
N ILE A 336 -6.07 -2.04 -18.80
CA ILE A 336 -5.64 -0.81 -19.45
C ILE A 336 -5.33 0.30 -18.43
N VAL A 337 -4.10 0.80 -18.51
CA VAL A 337 -3.69 1.98 -17.77
C VAL A 337 -3.15 3.04 -18.72
N ALA A 338 -3.65 4.26 -18.58
CA ALA A 338 -3.32 5.33 -19.51
C ALA A 338 -3.36 6.69 -18.81
N ASN A 339 -2.46 7.58 -19.22
CA ASN A 339 -2.54 8.98 -18.83
C ASN A 339 -3.48 9.77 -19.73
N GLN A 340 -4.34 10.58 -19.12
CA GLN A 340 -5.42 11.23 -19.84
C GLN A 340 -5.17 12.73 -19.98
N PRO A 341 -4.56 13.11 -21.10
CA PRO A 341 -4.13 14.49 -21.31
C PRO A 341 -5.17 15.48 -20.80
N MET A 342 -6.44 15.18 -21.06
CA MET A 342 -7.51 16.16 -20.84
C MET A 342 -7.46 16.73 -19.43
N GLN A 343 -6.94 15.92 -18.51
CA GLN A 343 -6.96 16.25 -17.08
C GLN A 343 -5.54 16.42 -16.55
N PHE A 344 -5.23 17.63 -16.09
CA PHE A 344 -3.94 17.91 -15.46
C PHE A 344 -2.84 17.77 -16.49
N ALA A 345 -3.23 17.63 -17.74
CA ALA A 345 -2.27 17.50 -18.83
C ALA A 345 -1.86 16.05 -18.96
N GLY A 346 -2.41 15.21 -18.08
CA GLY A 346 -1.98 13.83 -17.99
C GLY A 346 -0.81 13.64 -17.04
N CYS A 347 -0.65 14.58 -16.13
CA CYS A 347 0.40 14.50 -15.12
C CYS A 347 0.01 13.55 -14.00
N LEU A 348 0.95 12.71 -13.58
CA LEU A 348 0.72 11.79 -12.47
C LEU A 348 0.76 12.52 -11.13
N ASP A 349 -0.11 12.09 -10.23
CA ASP A 349 -0.30 12.69 -8.91
C ASP A 349 -0.62 11.60 -7.89
N ILE A 350 -0.42 11.89 -6.62
CA ILE A 350 -0.59 10.90 -5.57
C ILE A 350 -1.76 10.00 -5.91
N THR A 351 -2.86 10.61 -6.34
CA THR A 351 -4.13 9.91 -6.48
C THR A 351 -4.13 8.96 -7.67
N ALA A 352 -3.52 9.40 -8.77
CA ALA A 352 -3.46 8.58 -9.97
C ALA A 352 -2.51 7.40 -9.79
N SER A 353 -1.47 7.61 -9.00
CA SER A 353 -0.45 6.61 -8.78
C SER A 353 -0.96 5.47 -7.90
N GLU A 354 -1.92 5.78 -7.03
CA GLU A 354 -2.52 4.77 -6.18
C GLU A 354 -3.64 4.03 -6.91
N LYS A 355 -4.42 4.78 -7.68
CA LYS A 355 -5.50 4.19 -8.46
C LYS A 355 -4.96 3.21 -9.51
N ALA A 356 -3.85 3.58 -10.13
CA ALA A 356 -3.21 2.75 -11.14
C ALA A 356 -2.48 1.57 -10.51
N ALA A 357 -1.85 1.83 -9.37
CA ALA A 357 -1.00 0.83 -8.73
C ALA A 357 -1.79 -0.42 -8.35
N ARG A 358 -2.96 -0.21 -7.75
CA ARG A 358 -3.79 -1.32 -7.28
C ARG A 358 -4.79 -1.81 -8.34
N PHE A 359 -4.76 -1.21 -9.52
CA PHE A 359 -5.35 -1.84 -10.70
C PHE A 359 -4.38 -2.86 -11.31
N VAL A 360 -3.15 -2.41 -11.55
CA VAL A 360 -2.10 -3.29 -12.07
C VAL A 360 -1.96 -4.54 -11.21
N ARG A 361 -1.84 -4.37 -9.91
CA ARG A 361 -1.66 -5.50 -8.99
C ARG A 361 -2.82 -6.49 -9.12
N THR A 362 -4.04 -5.95 -9.27
CA THR A 362 -5.21 -6.80 -9.48
C THR A 362 -5.07 -7.63 -10.74
N CYS A 363 -4.79 -6.95 -11.86
CA CYS A 363 -4.62 -7.61 -13.14
C CYS A 363 -3.54 -8.68 -13.08
N ASP A 364 -2.45 -8.35 -12.39
CA ASP A 364 -1.30 -9.25 -12.28
C ASP A 364 -1.66 -10.51 -11.50
N ALA A 365 -2.27 -10.34 -10.34
CA ALA A 365 -2.61 -11.47 -9.47
C ALA A 365 -3.60 -12.43 -10.15
N PHE A 366 -4.43 -11.88 -11.02
CA PHE A 366 -5.43 -12.66 -11.74
C PHE A 366 -4.89 -13.19 -13.04
N ASN A 367 -3.69 -12.75 -13.40
CA ASN A 367 -3.04 -13.18 -14.63
C ASN A 367 -3.53 -12.42 -15.87
N VAL A 368 -4.35 -11.40 -15.67
CA VAL A 368 -4.83 -10.62 -16.79
C VAL A 368 -3.73 -9.68 -17.26
N PRO A 369 -3.47 -9.63 -18.57
CA PRO A 369 -2.43 -8.77 -19.20
C PRO A 369 -2.65 -7.24 -19.07
N VAL A 370 -1.61 -6.39 -19.17
CA VAL A 370 -1.81 -4.97 -18.95
C VAL A 370 -1.23 -4.13 -20.08
N LEU A 371 -2.07 -3.29 -20.66
CA LEU A 371 -1.70 -2.47 -21.79
C LEU A 371 -1.71 -0.99 -21.39
N THR A 372 -0.57 -0.35 -21.59
CA THR A 372 -0.29 0.95 -21.00
C THR A 372 -0.04 2.00 -22.08
N PHE A 373 -0.82 3.08 -22.01
CA PHE A 373 -0.72 4.19 -22.93
C PHE A 373 -0.16 5.42 -22.23
N VAL A 374 0.88 5.97 -22.86
CA VAL A 374 1.83 6.86 -22.22
C VAL A 374 1.75 8.27 -22.81
N ASP A 375 1.23 9.16 -21.99
CA ASP A 375 1.33 10.57 -22.17
C ASP A 375 1.57 11.00 -20.75
N VAL A 376 2.69 11.66 -20.49
CA VAL A 376 2.93 12.11 -19.14
C VAL A 376 4.09 13.09 -19.08
N PRO A 377 3.79 14.34 -18.71
CA PRO A 377 4.80 15.41 -18.73
C PRO A 377 5.56 15.47 -17.41
N GLY A 378 5.11 14.65 -16.46
CA GLY A 378 5.73 14.56 -15.16
C GLY A 378 4.71 14.45 -14.04
N PHE A 379 5.15 14.76 -12.83
CA PHE A 379 4.31 14.64 -11.65
C PHE A 379 3.90 16.03 -11.14
N LEU A 380 2.63 16.16 -10.78
CA LEU A 380 1.99 17.46 -10.71
C LEU A 380 2.43 18.24 -9.48
N PRO A 381 3.27 19.25 -9.69
CA PRO A 381 4.02 19.89 -8.62
C PRO A 381 3.09 20.50 -7.56
N GLY A 382 3.67 20.69 -6.39
CA GLY A 382 3.03 21.36 -5.29
C GLY A 382 3.74 20.93 -4.04
N VAL A 383 3.50 21.68 -2.99
CA VAL A 383 4.01 21.38 -1.66
C VAL A 383 3.21 20.25 -1.03
N ASP A 384 1.88 20.39 -1.02
CA ASP A 384 1.00 19.31 -0.60
C ASP A 384 1.54 17.95 -1.03
N GLN A 385 1.68 17.78 -2.34
CA GLN A 385 2.04 16.49 -2.92
C GLN A 385 3.26 15.90 -2.21
N GLU A 386 4.16 16.77 -1.78
CA GLU A 386 5.44 16.34 -1.22
C GLU A 386 5.46 16.34 0.30
N HIS A 387 4.41 16.89 0.91
CA HIS A 387 4.06 16.57 2.28
C HIS A 387 3.27 15.27 2.36
N ASP A 388 2.23 15.14 1.55
CA ASP A 388 1.29 14.07 1.81
C ASP A 388 2.16 12.83 1.80
N GLY A 389 3.21 12.86 0.98
CA GLY A 389 3.93 11.64 0.61
C GLY A 389 3.63 11.09 -0.77
N ILE A 390 3.98 11.87 -1.80
CA ILE A 390 4.22 11.33 -3.14
C ILE A 390 5.35 10.31 -3.11
N ILE A 391 6.47 10.68 -2.50
CA ILE A 391 7.66 9.83 -2.51
C ILE A 391 7.30 8.36 -2.30
N ARG A 392 6.53 8.10 -1.24
CA ARG A 392 6.13 6.74 -0.91
C ARG A 392 5.00 6.27 -1.79
N ARG A 393 4.05 7.15 -2.06
CA ARG A 393 2.78 6.77 -2.68
C ARG A 393 2.80 6.93 -4.20
N GLY A 394 3.83 7.59 -4.73
CA GLY A 394 4.12 7.51 -6.15
C GLY A 394 4.91 6.26 -6.49
N ALA A 395 5.74 5.82 -5.54
CA ALA A 395 6.50 4.60 -5.72
C ALA A 395 5.60 3.41 -6.05
N LYS A 396 4.44 3.37 -5.40
CA LYS A 396 3.54 2.24 -5.53
C LYS A 396 3.50 1.72 -6.95
N LEU A 397 3.26 2.62 -7.90
CA LEU A 397 3.07 2.26 -9.30
C LEU A 397 4.31 1.60 -9.88
N ILE A 398 5.48 2.13 -9.56
CA ILE A 398 6.73 1.53 -9.98
C ILE A 398 6.85 0.09 -9.48
N PHE A 399 6.58 -0.10 -8.19
CA PHE A 399 6.60 -1.44 -7.60
C PHE A 399 5.66 -2.38 -8.34
N ALA A 400 4.47 -1.91 -8.68
CA ALA A 400 3.45 -2.75 -9.30
C ALA A 400 3.92 -3.25 -10.65
N TYR A 401 4.44 -2.34 -11.48
CA TYR A 401 4.95 -2.72 -12.79
C TYR A 401 6.09 -3.74 -12.68
N ALA A 402 7.07 -3.44 -11.85
CA ALA A 402 8.27 -4.28 -11.75
C ALA A 402 7.91 -5.66 -11.20
N GLU A 403 6.89 -5.72 -10.37
CA GLU A 403 6.45 -6.97 -9.76
C GLU A 403 5.79 -7.89 -10.80
N ALA A 404 4.98 -7.25 -11.64
CA ALA A 404 4.08 -7.93 -12.56
C ALA A 404 4.82 -8.92 -13.45
N THR A 405 4.26 -10.12 -13.57
CA THR A 405 4.72 -11.07 -14.59
C THR A 405 3.93 -10.94 -15.89
N VAL A 406 2.62 -10.82 -15.77
CA VAL A 406 1.72 -11.01 -16.90
C VAL A 406 2.02 -10.02 -18.00
N PRO A 407 1.77 -10.45 -19.24
CA PRO A 407 2.18 -9.71 -20.43
C PRO A 407 2.02 -8.21 -20.25
N LEU A 408 3.07 -7.46 -20.54
CA LEU A 408 3.05 -6.00 -20.41
C LEU A 408 3.42 -5.33 -21.71
N ILE A 409 2.43 -4.74 -22.39
CA ILE A 409 2.67 -4.00 -23.61
C ILE A 409 2.47 -2.50 -23.39
N THR A 410 3.48 -1.71 -23.74
CA THR A 410 3.42 -0.26 -23.61
C THR A 410 3.38 0.45 -24.97
N VAL A 411 2.72 1.61 -24.99
CA VAL A 411 2.71 2.47 -26.16
C VAL A 411 2.77 3.95 -25.76
N ILE A 412 3.87 4.60 -26.13
CA ILE A 412 4.03 6.03 -25.89
C ILE A 412 3.48 6.85 -27.06
N THR A 413 2.39 7.56 -26.80
CA THR A 413 1.77 8.42 -27.80
C THR A 413 2.51 9.74 -27.91
N ARG A 414 2.67 10.44 -26.78
CA ARG A 414 3.23 11.80 -26.77
C ARG A 414 4.39 12.03 -25.80
N LYS A 415 4.06 12.30 -24.54
CA LYS A 415 5.00 12.84 -23.57
C LYS A 415 5.43 11.77 -22.57
N ALA A 416 6.74 11.71 -22.33
CA ALA A 416 7.34 10.76 -21.41
C ALA A 416 8.64 11.33 -20.83
N PHE A 417 8.51 12.08 -19.73
CA PHE A 417 9.63 12.79 -19.14
C PHE A 417 10.01 12.22 -17.78
N GLY A 418 11.32 12.25 -17.49
CA GLY A 418 11.81 11.92 -16.17
C GLY A 418 11.20 10.66 -15.60
N GLY A 419 11.23 10.55 -14.28
CA GLY A 419 10.78 9.35 -13.60
C GLY A 419 9.45 8.86 -14.13
N ALA A 420 8.61 9.80 -14.57
CA ALA A 420 7.24 9.48 -14.95
C ALA A 420 7.20 8.73 -16.27
N TYR A 421 8.29 8.79 -17.02
CA TYR A 421 8.57 7.80 -18.07
C TYR A 421 8.80 6.42 -17.47
N LEU A 422 9.79 6.31 -16.58
CA LEU A 422 10.06 5.04 -15.91
C LEU A 422 8.77 4.41 -15.37
N VAL A 423 8.05 5.17 -14.55
CA VAL A 423 6.83 4.68 -13.93
C VAL A 423 5.95 3.97 -14.94
N MET A 424 5.61 4.64 -16.02
CA MET A 424 4.56 4.17 -16.91
C MET A 424 4.99 2.95 -17.70
N GLY A 425 5.05 1.79 -17.05
CA GLY A 425 5.32 0.54 -17.74
C GLY A 425 6.46 0.63 -18.75
N SER A 426 7.58 1.19 -18.29
CA SER A 426 8.82 1.19 -19.07
C SER A 426 9.46 -0.19 -19.18
N LYS A 427 10.39 -0.33 -20.12
CA LYS A 427 11.14 -1.57 -20.28
C LYS A 427 12.05 -1.84 -19.08
N HIS A 428 12.58 -0.76 -18.51
CA HIS A 428 13.53 -0.89 -17.40
C HIS A 428 12.90 -1.61 -16.21
N LEU A 429 11.57 -1.55 -16.12
CA LEU A 429 10.85 -2.26 -15.07
C LEU A 429 10.50 -3.70 -15.46
N GLY A 430 10.82 -4.08 -16.69
CA GLY A 430 10.41 -5.36 -17.23
C GLY A 430 9.28 -5.52 -18.24
N ALA A 431 8.84 -4.37 -18.77
CA ALA A 431 7.81 -4.42 -19.78
C ALA A 431 8.30 -5.11 -21.04
N ASP A 432 7.53 -6.08 -21.51
CA ASP A 432 7.91 -6.92 -22.63
C ASP A 432 8.16 -6.09 -23.88
N LEU A 433 7.12 -5.43 -24.36
CA LEU A 433 7.17 -4.76 -25.66
C LEU A 433 6.76 -3.28 -25.53
N ASN A 434 7.71 -2.41 -25.87
CA ASN A 434 7.57 -0.97 -25.68
C ASN A 434 7.59 -0.21 -27.00
N LEU A 435 6.41 0.15 -27.49
CA LEU A 435 6.28 0.91 -28.72
C LEU A 435 6.30 2.41 -28.46
N ALA A 436 6.61 3.18 -29.50
CA ALA A 436 6.55 4.63 -29.45
C ALA A 436 6.14 5.22 -30.80
N TRP A 437 5.09 6.03 -30.79
CA TRP A 437 4.65 6.73 -31.99
C TRP A 437 5.64 7.83 -32.36
N PRO A 438 5.59 8.28 -33.61
CA PRO A 438 6.50 9.33 -34.06
C PRO A 438 6.44 10.58 -33.16
N THR A 439 5.30 10.75 -32.49
CA THR A 439 5.04 11.97 -31.75
C THR A 439 5.73 11.90 -30.39
N ALA A 440 6.09 10.67 -30.00
CA ALA A 440 6.65 10.42 -28.68
C ALA A 440 7.81 11.37 -28.36
N GLN A 441 7.80 11.88 -27.13
CA GLN A 441 8.91 12.63 -26.58
C GLN A 441 9.44 11.98 -25.30
N ILE A 442 10.64 11.41 -25.40
CA ILE A 442 11.20 10.60 -24.33
C ILE A 442 12.54 11.16 -23.87
N ALA A 443 12.54 11.91 -22.78
CA ALA A 443 13.72 12.71 -22.42
C ALA A 443 13.71 13.10 -20.95
N VAL A 444 14.89 13.18 -20.35
CA VAL A 444 15.01 13.37 -18.90
C VAL A 444 14.00 14.38 -18.40
N MET A 445 13.89 15.52 -19.08
CA MET A 445 13.04 16.60 -18.62
C MET A 445 12.79 17.63 -19.72
N GLY A 446 11.69 18.36 -19.59
CA GLY A 446 11.24 19.27 -20.64
C GLY A 446 12.29 20.29 -21.00
N ALA A 447 12.26 20.74 -22.25
CA ALA A 447 13.44 21.25 -22.93
C ALA A 447 13.91 22.58 -22.36
N GLN A 448 12.94 23.42 -21.97
CA GLN A 448 13.23 24.64 -21.23
C GLN A 448 13.93 24.33 -19.91
N GLY A 449 13.49 23.26 -19.24
CA GLY A 449 14.07 22.86 -17.98
C GLY A 449 15.15 21.81 -18.12
N ALA A 450 15.62 21.65 -19.35
CA ALA A 450 16.90 21.02 -19.61
C ALA A 450 17.92 22.08 -20.04
N VAL A 451 17.47 22.93 -20.95
CA VAL A 451 18.36 23.88 -21.61
C VAL A 451 18.89 24.75 -20.50
N ASN A 452 18.01 25.06 -19.57
CA ASN A 452 18.43 25.76 -18.37
C ASN A 452 19.74 25.19 -17.86
N ILE A 453 19.73 23.92 -17.48
CA ILE A 453 20.74 23.40 -16.56
C ILE A 453 22.03 23.09 -17.32
N LEU A 454 21.86 22.81 -18.61
CA LEU A 454 22.97 22.55 -19.50
C LEU A 454 23.69 23.85 -19.84
N HIS A 455 22.90 24.86 -20.20
CA HIS A 455 23.42 26.12 -20.76
C HIS A 455 23.31 27.26 -19.75
N ARG A 456 23.98 27.09 -18.62
CA ARG A 456 23.91 28.04 -17.53
C ARG A 456 25.26 28.71 -17.38
N ARG A 457 26.05 28.66 -18.44
CA ARG A 457 27.24 29.48 -18.55
C ARG A 457 27.48 29.83 -20.00
N THR A 458 26.51 29.51 -20.86
CA THR A 458 26.48 30.04 -22.21
C THR A 458 25.26 30.93 -22.39
N ILE A 459 24.41 30.95 -21.37
CA ILE A 459 23.28 31.88 -21.35
C ILE A 459 23.54 32.97 -20.32
N ALA A 460 24.62 32.79 -19.56
CA ALA A 460 25.07 33.82 -18.64
C ALA A 460 25.98 34.83 -19.35
N ASP A 461 26.83 34.32 -20.23
CA ASP A 461 27.67 35.18 -21.07
C ASP A 461 26.82 36.07 -21.95
N ALA A 462 27.11 37.38 -21.93
CA ALA A 462 26.38 38.42 -22.69
C ALA A 462 24.86 38.64 -22.46
N GLY A 463 24.47 39.04 -21.25
CA GLY A 463 23.06 39.17 -20.89
C GLY A 463 22.31 39.89 -21.99
N ASP A 464 23.09 40.45 -22.92
CA ASP A 464 22.54 41.08 -24.11
C ASP A 464 22.13 40.02 -25.14
N ASP A 465 20.83 39.96 -25.43
CA ASP A 465 20.28 38.92 -26.28
C ASP A 465 20.26 37.58 -25.56
N ALA A 466 20.07 37.62 -24.24
CA ALA A 466 20.10 36.41 -23.43
C ALA A 466 19.06 35.40 -23.90
N GLU A 467 17.79 35.81 -23.85
CA GLU A 467 16.68 34.93 -24.23
C GLU A 467 16.82 34.47 -25.68
N ALA A 468 17.17 35.39 -26.57
CA ALA A 468 17.25 35.06 -27.99
C ALA A 468 18.05 33.79 -28.19
N THR A 469 19.15 33.65 -27.47
CA THR A 469 19.92 32.41 -27.46
C THR A 469 19.13 31.27 -26.79
N ARG A 470 18.66 31.53 -25.58
CA ARG A 470 18.15 30.48 -24.73
C ARG A 470 16.98 29.80 -25.43
N ALA A 471 16.13 30.57 -26.11
CA ALA A 471 14.98 29.95 -26.75
C ALA A 471 15.37 29.41 -28.11
N ARG A 472 16.59 29.75 -28.54
CA ARG A 472 17.32 28.96 -29.52
C ARG A 472 17.65 27.58 -28.96
N LEU A 473 18.43 27.57 -27.88
CA LEU A 473 19.04 26.33 -27.40
C LEU A 473 17.95 25.38 -26.90
N ILE A 474 16.79 25.96 -26.61
CA ILE A 474 15.55 25.24 -26.38
C ILE A 474 14.99 24.58 -27.64
N GLN A 475 15.06 25.33 -28.75
CA GLN A 475 14.48 24.90 -30.02
C GLN A 475 15.44 24.02 -30.80
N GLU A 476 16.66 23.85 -30.28
CA GLU A 476 17.55 22.80 -30.75
C GLU A 476 17.42 21.54 -29.91
N TYR A 477 17.11 21.71 -28.63
CA TYR A 477 17.02 20.59 -27.71
C TYR A 477 15.78 19.79 -28.16
N GLU A 478 14.70 20.52 -28.43
CA GLU A 478 13.42 19.88 -28.73
C GLU A 478 13.44 19.19 -30.09
N ASP A 479 14.37 19.63 -30.94
CA ASP A 479 14.50 19.05 -32.28
C ASP A 479 15.54 17.94 -32.30
N ALA A 480 16.42 17.95 -31.30
CA ALA A 480 17.45 16.92 -31.19
C ALA A 480 17.00 15.76 -30.32
N LEU A 481 16.56 16.10 -29.11
CA LEU A 481 16.22 15.10 -28.11
C LEU A 481 14.76 14.92 -27.68
N LEU A 482 13.81 15.69 -28.21
CA LEU A 482 12.46 15.46 -27.73
C LEU A 482 11.74 14.67 -28.79
N ASN A 483 12.17 13.41 -28.90
CA ASN A 483 11.71 12.42 -29.87
C ASN A 483 12.06 11.01 -29.34
N PRO A 484 11.47 10.00 -29.97
CA PRO A 484 11.64 8.58 -29.63
C PRO A 484 13.05 8.05 -29.85
N TYR A 485 13.79 8.57 -30.76
CA TYR A 485 14.87 7.95 -31.50
C TYR A 485 16.13 7.64 -30.69
N THR A 486 16.42 8.39 -29.66
CA THR A 486 17.49 8.01 -28.74
C THR A 486 17.14 6.72 -28.01
N ALA A 487 15.95 6.70 -27.41
CA ALA A 487 15.47 5.51 -26.71
C ALA A 487 15.26 4.33 -27.65
N ALA A 488 15.11 4.59 -28.94
CA ALA A 488 15.20 3.52 -29.94
C ALA A 488 16.62 3.00 -30.13
N GLU A 489 17.57 3.92 -30.27
CA GLU A 489 18.91 3.53 -30.67
C GLU A 489 19.41 2.55 -29.63
N ARG A 490 19.00 2.78 -28.40
CA ARG A 490 19.48 1.99 -27.27
C ARG A 490 18.43 1.00 -26.80
N GLY A 491 17.46 0.70 -27.65
CA GLY A 491 16.52 -0.37 -27.38
C GLY A 491 15.81 -0.26 -26.04
N TYR A 492 15.36 0.95 -25.73
CA TYR A 492 14.44 1.15 -24.62
C TYR A 492 12.99 1.11 -25.10
N VAL A 493 12.76 1.47 -26.35
CA VAL A 493 11.49 1.14 -27.00
C VAL A 493 11.72 0.22 -28.19
N ASP A 494 11.21 -1.00 -28.11
CA ASP A 494 11.36 -1.95 -29.22
C ASP A 494 11.30 -1.27 -30.59
N ALA A 495 10.23 -0.52 -30.81
CA ALA A 495 9.93 0.00 -32.15
C ALA A 495 9.25 1.36 -32.08
N VAL A 496 9.64 2.25 -32.99
CA VAL A 496 8.84 3.41 -33.34
C VAL A 496 7.88 3.10 -34.47
N ILE A 497 6.59 3.29 -34.21
CA ILE A 497 5.56 2.73 -35.07
C ILE A 497 4.57 3.81 -35.48
N MET A 498 3.99 3.66 -36.67
CA MET A 498 2.98 4.61 -37.15
C MET A 498 1.64 4.36 -36.46
N PRO A 499 1.07 5.37 -35.82
CA PRO A 499 0.04 5.13 -34.81
C PRO A 499 -1.00 4.16 -35.36
N SER A 500 -1.30 4.22 -36.65
CA SER A 500 -2.23 3.25 -37.24
C SER A 500 -1.97 1.81 -36.78
N ASP A 501 -0.68 1.47 -36.74
CA ASP A 501 -0.19 0.10 -36.61
C ASP A 501 -0.41 -0.53 -35.23
N THR A 502 -0.78 0.29 -34.26
CA THR A 502 -0.78 -0.14 -32.86
C THR A 502 -1.68 -1.35 -32.59
N ARG A 503 -2.86 -1.42 -33.19
CA ARG A 503 -3.73 -2.57 -32.94
C ARG A 503 -3.31 -3.82 -33.71
N ARG A 504 -2.27 -3.70 -34.54
CA ARG A 504 -1.57 -4.87 -35.05
C ARG A 504 -0.49 -5.33 -34.06
N HIS A 505 0.33 -4.40 -33.58
CA HIS A 505 1.42 -4.74 -32.69
C HIS A 505 0.92 -5.42 -31.42
N ILE A 506 -0.16 -4.89 -30.87
CA ILE A 506 -0.70 -5.36 -29.59
C ILE A 506 -1.41 -6.69 -29.76
N VAL A 507 -2.00 -6.89 -30.93
CA VAL A 507 -2.43 -8.22 -31.36
C VAL A 507 -1.25 -9.19 -31.36
N ARG A 508 -0.33 -8.98 -32.29
CA ARG A 508 0.70 -9.96 -32.59
C ARG A 508 1.81 -9.85 -31.56
N GLY A 509 1.61 -9.01 -30.55
CA GLY A 509 2.38 -9.09 -29.32
C GLY A 509 1.79 -10.07 -28.32
N LEU A 510 0.51 -9.89 -28.02
CA LEU A 510 -0.14 -10.66 -26.96
C LEU A 510 -0.56 -12.03 -27.49
N ARG A 511 -0.19 -12.32 -28.72
CA ARG A 511 -0.08 -13.71 -29.18
C ARG A 511 1.16 -14.38 -28.60
N GLN A 512 2.33 -13.85 -28.92
CA GLN A 512 3.57 -14.39 -28.37
C GLN A 512 3.53 -14.44 -26.84
N LEU A 513 3.37 -13.26 -26.24
CA LEU A 513 3.45 -13.13 -24.79
C LEU A 513 2.76 -14.31 -24.13
N ARG A 514 1.55 -14.63 -24.60
CA ARG A 514 0.57 -15.32 -23.78
C ARG A 514 1.13 -16.62 -23.21
N THR A 515 2.39 -16.92 -23.54
CA THR A 515 3.15 -17.96 -22.84
C THR A 515 4.41 -17.41 -22.15
N LYS A 516 4.29 -16.17 -21.69
CA LYS A 516 5.22 -15.57 -20.75
C LYS A 516 5.30 -16.37 -19.45
N ARG A 517 6.54 -16.64 -19.05
CA ARG A 517 6.84 -17.36 -17.82
C ARG A 517 7.98 -16.67 -17.06
N GLU A 518 7.60 -15.92 -16.02
CA GLU A 518 8.55 -15.09 -15.28
C GLU A 518 8.13 -14.93 -13.83
N SER A 519 9.10 -14.92 -12.94
CA SER A 519 8.84 -14.97 -11.51
C SER A 519 9.90 -14.19 -10.73
N LEU A 520 9.55 -13.79 -9.50
CA LEU A 520 10.36 -12.93 -8.66
C LEU A 520 10.84 -13.67 -7.41
N PRO A 521 12.04 -13.35 -6.94
CA PRO A 521 12.71 -14.20 -5.96
C PRO A 521 11.77 -14.71 -4.88
N PRO A 522 12.08 -15.88 -4.36
CA PRO A 522 11.37 -16.45 -3.20
C PRO A 522 11.15 -15.41 -2.12
N LYS A 523 9.93 -15.32 -1.61
CA LYS A 523 9.67 -14.40 -0.51
C LYS A 523 8.22 -14.47 -0.05
N LYS A 524 8.00 -14.45 1.26
CA LYS A 524 6.66 -14.63 1.80
C LYS A 524 5.73 -13.57 1.23
N HIS A 525 6.26 -12.36 1.11
CA HIS A 525 5.56 -11.25 0.48
C HIS A 525 6.60 -10.18 0.15
N GLY A 526 6.25 -9.22 -0.71
CA GLY A 526 7.13 -8.08 -0.85
C GLY A 526 7.05 -7.15 0.33
N ASN A 527 7.36 -5.88 0.08
CA ASN A 527 7.31 -4.83 1.08
C ASN A 527 6.96 -3.48 0.47
N ILE A 528 5.92 -3.47 -0.37
CA ILE A 528 5.60 -2.30 -1.17
C ILE A 528 5.16 -1.13 -0.31
N PRO A 529 5.55 0.07 -0.72
CA PRO A 529 5.33 1.26 0.10
C PRO A 529 3.86 1.48 0.41
N LEU A 530 3.59 1.80 1.68
CA LEU A 530 2.23 2.04 2.13
C LEU A 530 2.08 3.43 2.73
N ASP B 10 59.97 2.26 -15.65
CA ASP B 10 59.70 2.35 -17.08
C ASP B 10 58.20 2.39 -17.35
N ILE B 11 57.77 1.74 -18.43
CA ILE B 11 56.37 1.54 -18.71
C ILE B 11 56.33 0.11 -19.18
N HIS B 12 57.15 -0.27 -20.15
CA HIS B 12 56.98 -1.59 -20.83
C HIS B 12 57.13 -2.84 -19.90
N THR B 13 57.77 -2.59 -18.77
CA THR B 13 58.47 -3.44 -17.81
C THR B 13 57.61 -3.68 -16.57
N THR B 14 57.48 -4.95 -16.19
CA THR B 14 56.46 -5.36 -15.23
C THR B 14 56.32 -4.32 -14.12
N ALA B 15 57.46 -3.85 -13.61
CA ALA B 15 57.48 -3.05 -12.39
C ALA B 15 57.22 -1.62 -12.78
N GLY B 16 57.10 -1.37 -14.09
CA GLY B 16 56.55 -0.12 -14.57
C GLY B 16 55.03 -0.18 -14.67
N LYS B 17 54.53 -1.32 -15.10
CA LYS B 17 53.11 -1.63 -14.97
C LYS B 17 52.62 -1.38 -13.55
N LEU B 18 53.22 -2.07 -12.58
CA LEU B 18 52.75 -2.01 -11.20
C LEU B 18 52.79 -0.58 -10.68
N ALA B 19 53.77 0.19 -11.12
CA ALA B 19 53.91 1.57 -10.71
C ALA B 19 52.84 2.45 -11.36
N ASP B 20 52.46 2.08 -12.58
CA ASP B 20 51.29 2.66 -13.23
C ASP B 20 50.05 2.50 -12.37
N LEU B 21 49.81 1.29 -11.89
CA LEU B 21 48.58 0.97 -11.19
C LEU B 21 48.43 1.79 -9.92
N ARG B 22 49.54 2.14 -9.28
CA ARG B 22 49.49 2.91 -8.04
C ARG B 22 49.14 4.37 -8.31
N ARG B 23 49.46 4.82 -9.51
CA ARG B 23 49.19 6.21 -9.92
C ARG B 23 47.86 6.30 -10.66
N ARG B 24 47.14 5.18 -10.70
CA ARG B 24 45.76 5.20 -11.16
C ARG B 24 44.79 4.88 -10.02
N ILE B 25 45.31 4.25 -8.98
CA ILE B 25 44.55 4.06 -7.74
C ILE B 25 44.54 5.33 -6.90
N GLU B 26 45.65 6.07 -6.91
CA GLU B 26 45.70 7.36 -6.22
C GLU B 26 44.69 8.34 -6.80
N GLU B 27 44.68 8.43 -8.13
CA GLU B 27 43.75 9.31 -8.84
C GLU B 27 42.31 8.90 -8.56
N ALA B 28 42.09 7.60 -8.41
CA ALA B 28 40.74 7.05 -8.42
C ALA B 28 40.14 7.08 -7.01
N THR B 29 41.00 7.25 -6.01
CA THR B 29 40.54 7.52 -4.65
C THR B 29 40.64 9.00 -4.31
N HIS B 30 40.74 9.84 -5.34
CA HIS B 30 40.60 11.28 -5.16
C HIS B 30 39.85 11.93 -6.32
N ALA B 31 38.90 11.20 -6.88
CA ALA B 31 38.39 11.51 -8.21
C ALA B 31 37.58 12.81 -8.21
N GLY B 32 37.31 13.33 -7.02
CA GLY B 32 36.67 14.63 -6.91
C GLY B 32 37.63 15.73 -6.47
N SER B 33 37.46 16.89 -7.08
CA SER B 33 38.44 17.94 -7.06
C SER B 33 38.44 18.63 -5.70
N ALA B 34 39.64 18.88 -5.17
CA ALA B 34 39.81 19.08 -3.74
C ALA B 34 39.28 20.45 -3.30
N ARG B 35 38.62 21.13 -4.22
CA ARG B 35 37.69 22.18 -3.88
C ARG B 35 36.37 21.57 -3.48
N ALA B 36 35.88 20.61 -4.27
CA ALA B 36 34.51 20.13 -4.13
C ALA B 36 34.43 19.27 -2.88
N VAL B 37 35.59 18.90 -2.35
CA VAL B 37 35.66 18.14 -1.11
C VAL B 37 35.98 19.04 0.08
N GLU B 38 36.25 20.31 -0.21
CA GLU B 38 36.36 21.32 0.84
C GLU B 38 35.14 22.24 0.90
N LYS B 39 34.23 22.06 -0.06
CA LYS B 39 32.85 22.48 0.10
C LYS B 39 32.07 21.47 0.94
N GLN B 40 32.06 20.22 0.49
CA GLN B 40 31.27 19.18 1.15
C GLN B 40 31.70 19.00 2.61
N HIS B 41 32.95 19.33 2.89
CA HIS B 41 33.44 19.39 4.26
C HIS B 41 32.83 20.58 4.99
N ALA B 42 32.86 21.75 4.34
CA ALA B 42 32.48 22.99 5.00
C ALA B 42 30.96 23.05 5.14
N LYS B 43 30.30 22.00 4.65
CA LYS B 43 28.88 21.82 4.93
C LYS B 43 28.69 20.91 6.13
N GLY B 44 29.74 20.22 6.54
CA GLY B 44 29.65 19.23 7.59
C GLY B 44 29.32 17.85 7.06
N LYS B 45 29.31 17.71 5.74
CA LYS B 45 29.02 16.41 5.12
C LYS B 45 30.31 15.67 4.75
N LEU B 46 30.40 14.41 5.17
CA LEU B 46 31.60 13.61 4.94
C LEU B 46 31.82 13.40 3.44
N THR B 47 32.81 12.59 3.10
CA THR B 47 32.96 12.09 1.75
C THR B 47 32.28 10.74 1.55
N ALA B 48 32.11 10.35 0.29
CA ALA B 48 31.46 9.09 -0.06
C ALA B 48 32.32 7.88 0.27
N ARG B 49 33.62 8.10 0.40
CA ARG B 49 34.53 7.10 0.96
C ARG B 49 34.42 7.07 2.48
N GLU B 50 34.55 8.23 3.12
CA GLU B 50 34.64 8.29 4.57
C GLU B 50 33.38 7.69 5.20
N ARG B 51 32.25 7.94 4.55
CA ARG B 51 30.99 7.30 4.89
C ARG B 51 31.15 5.78 4.96
N ILE B 52 31.73 5.21 3.90
CA ILE B 52 31.93 3.77 3.83
C ILE B 52 32.80 3.27 4.98
N ASP B 53 33.88 3.99 5.27
CA ASP B 53 34.77 3.60 6.36
C ASP B 53 34.01 3.40 7.67
N LEU B 54 33.17 4.38 8.00
CA LEU B 54 32.52 4.44 9.29
C LEU B 54 31.40 3.40 9.43
N LEU B 55 30.84 3.00 8.30
CA LEU B 55 29.91 1.87 8.28
C LEU B 55 30.63 0.54 8.47
N LEU B 56 31.59 0.27 7.59
CA LEU B 56 32.16 -1.07 7.45
C LEU B 56 33.24 -1.34 8.49
N ASP B 57 33.25 -2.58 8.96
CA ASP B 57 34.28 -3.09 9.84
C ASP B 57 35.66 -2.92 9.22
N GLU B 58 36.50 -2.21 9.96
CA GLU B 58 37.73 -1.64 9.44
C GLU B 58 38.57 -2.72 8.80
N GLY B 59 39.05 -2.44 7.59
CA GLY B 59 39.69 -3.45 6.77
C GLY B 59 38.77 -4.01 5.69
N SER B 60 37.59 -4.46 6.10
CA SER B 60 36.78 -5.35 5.28
C SER B 60 36.71 -4.88 3.82
N PHE B 61 36.40 -3.62 3.62
CA PHE B 61 35.89 -3.15 2.34
C PHE B 61 36.74 -3.54 1.14
N VAL B 62 36.03 -4.06 0.15
CA VAL B 62 36.58 -4.49 -1.13
C VAL B 62 35.86 -3.82 -2.30
N GLU B 63 36.56 -2.90 -2.94
CA GLU B 63 35.99 -1.96 -3.88
C GLU B 63 35.85 -2.56 -5.27
N LEU B 64 34.63 -2.53 -5.78
CA LEU B 64 34.35 -2.99 -7.15
C LEU B 64 34.29 -1.81 -8.11
N ASP B 65 34.63 -2.04 -9.38
CA ASP B 65 34.62 -0.98 -10.37
C ASP B 65 35.18 0.34 -9.83
N GLU B 66 36.38 0.28 -9.26
CA GLU B 66 37.11 1.50 -8.91
C GLU B 66 37.51 2.29 -10.16
N PHE B 67 37.87 1.58 -11.22
CA PHE B 67 38.36 2.21 -12.43
C PHE B 67 37.30 2.15 -13.53
N ALA B 68 36.05 2.39 -13.16
CA ALA B 68 34.99 2.54 -14.16
C ALA B 68 34.99 3.94 -14.75
N ARG B 69 34.55 4.07 -16.00
CA ARG B 69 34.47 5.39 -16.64
C ARG B 69 33.25 5.50 -17.55
N HIS B 70 32.83 6.74 -17.78
CA HIS B 70 31.64 7.02 -18.57
C HIS B 70 31.93 6.84 -20.05
N ARG B 71 30.86 6.63 -20.82
CA ARG B 71 30.98 6.44 -22.26
C ARG B 71 30.58 7.70 -23.01
N SER B 72 29.84 8.56 -22.33
CA SER B 72 29.02 9.57 -22.99
C SER B 72 29.88 10.68 -23.60
N THR B 73 29.54 11.06 -24.83
CA THR B 73 30.15 12.23 -25.46
C THR B 73 29.11 13.32 -25.75
N ASN B 74 28.10 13.39 -24.88
CA ASN B 74 27.08 14.42 -24.97
C ASN B 74 27.42 15.64 -24.14
N PHE B 75 27.26 16.82 -24.76
CA PHE B 75 27.50 18.08 -24.08
C PHE B 75 28.87 18.11 -23.42
N GLY B 76 29.90 17.74 -24.18
CA GLY B 76 31.27 17.75 -23.67
C GLY B 76 31.40 17.19 -22.26
N LEU B 77 30.67 16.12 -21.97
CA LEU B 77 30.88 15.34 -20.76
C LEU B 77 31.87 14.19 -20.98
N ASP B 78 32.42 14.13 -22.19
CA ASP B 78 33.66 13.40 -22.41
C ASP B 78 34.80 14.39 -22.61
N ALA B 79 34.88 15.36 -21.70
CA ALA B 79 36.15 16.04 -21.41
C ALA B 79 36.76 15.49 -20.12
N ASN B 80 35.92 14.92 -19.27
CA ASN B 80 36.36 14.36 -18.00
C ASN B 80 35.72 13.01 -17.69
N ARG B 81 36.52 11.95 -17.71
CA ARG B 81 36.08 10.62 -17.32
C ARG B 81 36.77 10.16 -16.03
N PRO B 82 36.26 10.64 -14.91
CA PRO B 82 36.87 10.38 -13.60
C PRO B 82 36.61 8.96 -13.14
N TYR B 83 37.64 8.29 -12.64
CA TYR B 83 37.54 6.88 -12.28
C TYR B 83 36.51 6.65 -11.19
N GLY B 84 35.65 5.65 -11.36
CA GLY B 84 34.59 5.36 -10.41
C GLY B 84 33.25 5.93 -10.83
N ASP B 85 33.31 6.86 -11.78
CA ASP B 85 32.12 7.49 -12.31
C ASP B 85 31.15 7.82 -11.18
N GLY B 86 31.59 8.58 -10.19
CA GLY B 86 30.67 9.23 -9.24
C GLY B 86 29.90 8.43 -8.20
N VAL B 87 30.31 7.18 -8.01
CA VAL B 87 29.78 6.41 -6.89
C VAL B 87 30.72 5.28 -6.50
N VAL B 88 30.92 5.13 -5.19
CA VAL B 88 31.81 4.12 -4.64
C VAL B 88 31.03 2.89 -4.21
N THR B 89 31.44 1.73 -4.71
CA THR B 89 30.63 0.52 -4.60
C THR B 89 31.49 -0.71 -4.35
N GLY B 90 31.02 -1.57 -3.45
CA GLY B 90 31.69 -2.82 -3.10
C GLY B 90 31.03 -3.59 -1.97
N TYR B 91 31.84 -4.37 -1.26
CA TYR B 91 31.32 -5.37 -0.33
C TYR B 91 32.27 -5.57 0.84
N GLY B 92 31.70 -5.66 2.05
CA GLY B 92 32.42 -6.06 3.24
C GLY B 92 31.51 -6.44 4.39
N THR B 93 31.95 -6.14 5.61
CA THR B 93 31.31 -6.62 6.83
C THR B 93 30.84 -5.51 7.77
N VAL B 94 29.66 -5.71 8.35
CA VAL B 94 29.18 -4.85 9.44
C VAL B 94 28.84 -5.68 10.68
N ASP B 95 29.70 -5.56 11.69
CA ASP B 95 29.58 -6.41 12.87
C ASP B 95 29.92 -7.86 12.54
N GLY B 96 30.78 -8.06 11.56
CA GLY B 96 31.13 -9.39 11.11
C GLY B 96 29.97 -10.14 10.47
N ARG B 97 29.15 -9.39 9.73
CA ARG B 97 28.21 -9.99 8.79
C ARG B 97 28.28 -9.28 7.43
N PRO B 98 28.13 -10.07 6.36
CA PRO B 98 28.17 -9.52 5.00
C PRO B 98 27.41 -8.20 4.86
N VAL B 99 27.75 -7.45 3.84
CA VAL B 99 27.01 -6.26 3.48
C VAL B 99 27.48 -5.77 2.14
N ALA B 100 26.57 -5.41 1.24
CA ALA B 100 27.05 -4.73 0.05
C ALA B 100 26.58 -3.28 0.01
N VAL B 101 27.43 -2.41 -0.53
CA VAL B 101 27.39 -0.98 -0.24
C VAL B 101 27.72 -0.09 -1.45
N PHE B 102 26.88 0.91 -1.68
CA PHE B 102 27.23 2.02 -2.57
C PHE B 102 27.18 3.35 -1.85
N SER B 103 28.06 4.28 -2.24
CA SER B 103 28.04 5.62 -1.67
C SER B 103 28.24 6.68 -2.75
N GLN B 104 27.19 7.41 -3.07
CA GLN B 104 27.25 8.37 -4.18
C GLN B 104 28.19 9.54 -3.86
N ASP B 105 28.97 9.94 -4.84
CA ASP B 105 30.01 10.96 -4.64
C ASP B 105 29.54 12.32 -5.17
N PHE B 106 29.12 13.18 -4.26
CA PHE B 106 28.60 14.49 -4.64
C PHE B 106 29.70 15.37 -5.22
N THR B 107 30.94 14.93 -5.08
CA THR B 107 32.09 15.70 -5.56
C THR B 107 32.57 15.18 -6.91
N VAL B 108 31.73 14.39 -7.57
CA VAL B 108 31.91 14.04 -8.97
C VAL B 108 30.63 14.27 -9.76
N PHE B 109 30.67 15.25 -10.66
CA PHE B 109 29.50 15.65 -11.41
C PHE B 109 28.32 15.94 -10.49
N GLY B 110 28.61 16.49 -9.32
CA GLY B 110 27.58 16.77 -8.34
C GLY B 110 26.78 15.53 -7.96
N GLY B 111 27.40 14.36 -8.10
CA GLY B 111 26.75 13.11 -7.76
C GLY B 111 25.43 12.90 -8.48
N ALA B 112 25.38 13.44 -9.69
CA ALA B 112 24.37 13.09 -10.68
C ALA B 112 24.57 11.65 -11.16
N LEU B 113 23.45 10.95 -11.27
CA LEU B 113 23.45 9.52 -11.56
C LEU B 113 23.47 9.27 -13.06
N GLY B 114 24.53 8.61 -13.51
CA GLY B 114 24.71 8.37 -14.93
C GLY B 114 24.47 6.92 -15.30
N GLU B 115 24.94 6.55 -16.49
CA GLU B 115 24.80 5.19 -16.98
C GLU B 115 25.74 4.24 -16.27
N VAL B 116 27.06 4.41 -16.30
CA VAL B 116 27.89 3.37 -15.63
C VAL B 116 27.71 3.26 -14.09
N TYR B 117 27.75 4.43 -13.47
CA TYR B 117 27.31 4.86 -12.16
C TYR B 117 26.06 4.09 -11.76
N GLY B 118 25.06 4.10 -12.64
CA GLY B 118 23.92 3.25 -12.35
C GLY B 118 24.28 1.77 -12.41
N GLN B 119 25.07 1.40 -13.41
CA GLN B 119 25.37 0.00 -13.67
C GLN B 119 26.42 -0.54 -12.70
N LYS B 120 27.03 0.36 -11.95
CA LYS B 120 27.76 -0.03 -10.74
C LYS B 120 26.81 -0.45 -9.62
N ILE B 121 25.77 0.35 -9.41
CA ILE B 121 24.81 0.10 -8.34
C ILE B 121 23.96 -1.13 -8.63
N VAL B 122 23.78 -1.45 -9.91
CA VAL B 122 23.13 -2.70 -10.28
C VAL B 122 24.01 -3.91 -9.97
N LYS B 123 25.32 -3.74 -10.21
CA LYS B 123 26.27 -4.83 -10.02
C LYS B 123 26.35 -5.25 -8.56
N VAL B 124 26.30 -4.28 -7.65
CA VAL B 124 26.32 -4.60 -6.22
C VAL B 124 24.99 -5.22 -5.79
N MET B 125 23.89 -4.58 -6.17
CA MET B 125 22.57 -5.12 -5.90
C MET B 125 22.50 -6.61 -6.28
N ASP B 126 22.94 -6.93 -7.49
CA ASP B 126 22.87 -8.30 -7.99
C ASP B 126 23.79 -9.22 -7.18
N PHE B 127 24.92 -8.67 -6.72
CA PHE B 127 25.80 -9.41 -5.83
C PHE B 127 25.12 -9.67 -4.49
N ALA B 128 24.37 -8.68 -4.04
CA ALA B 128 23.52 -8.83 -2.86
C ALA B 128 22.49 -9.93 -3.07
N LEU B 129 21.70 -9.81 -4.13
CA LEU B 129 20.62 -10.74 -4.38
C LEU B 129 21.12 -12.18 -4.52
N LYS B 130 22.30 -12.33 -5.12
CA LYS B 130 22.96 -13.62 -5.20
C LYS B 130 23.27 -14.17 -3.82
N THR B 131 24.22 -13.51 -3.14
CA THR B 131 24.83 -14.07 -1.95
C THR B 131 23.98 -13.70 -0.76
N GLY B 132 22.78 -13.20 -1.01
CA GLY B 132 21.82 -12.99 0.06
C GLY B 132 22.38 -12.16 1.21
N CYS B 133 22.65 -10.89 0.94
CA CYS B 133 23.07 -9.97 2.01
C CYS B 133 22.55 -8.55 1.78
N PRO B 134 22.50 -7.78 2.86
CA PRO B 134 21.79 -6.50 2.88
C PRO B 134 22.56 -5.40 2.15
N VAL B 135 21.81 -4.56 1.45
CA VAL B 135 22.40 -3.49 0.66
C VAL B 135 22.07 -2.12 1.24
N VAL B 136 23.12 -1.42 1.68
CA VAL B 136 22.98 -0.14 2.37
C VAL B 136 23.41 1.01 1.47
N GLY B 137 22.42 1.64 0.85
CA GLY B 137 22.65 2.62 -0.19
C GLY B 137 22.75 4.03 0.35
N ILE B 138 23.93 4.62 0.17
CA ILE B 138 24.25 5.91 0.78
C ILE B 138 24.12 7.03 -0.24
N ASN B 139 23.07 7.83 -0.06
CA ASN B 139 22.55 8.71 -1.08
C ASN B 139 23.01 10.15 -0.88
N ASP B 140 23.59 10.68 -1.96
CA ASP B 140 23.98 12.06 -2.10
C ASP B 140 24.00 12.26 -3.60
N SER B 141 23.01 12.95 -4.15
CA SER B 141 23.00 13.11 -5.60
C SER B 141 22.09 14.27 -6.01
N GLY B 142 22.65 15.19 -6.79
CA GLY B 142 21.90 16.33 -7.28
C GLY B 142 20.69 15.90 -8.08
N GLY B 143 20.78 14.71 -8.66
CA GLY B 143 19.78 14.21 -9.59
C GLY B 143 20.39 13.56 -10.80
N ALA B 144 19.56 13.36 -11.82
CA ALA B 144 19.99 12.66 -13.04
C ALA B 144 21.00 13.49 -13.82
N ARG B 145 22.04 12.80 -14.31
CA ARG B 145 23.15 13.46 -14.98
C ARG B 145 22.76 13.85 -16.40
N ILE B 146 22.18 15.05 -16.53
CA ILE B 146 21.37 15.39 -17.68
C ILE B 146 22.09 15.06 -18.98
N GLN B 147 23.34 15.49 -19.11
CA GLN B 147 24.12 15.21 -20.31
C GLN B 147 23.71 13.87 -20.94
N GLU B 148 23.59 12.81 -20.16
CA GLU B 148 23.37 11.49 -20.75
C GLU B 148 22.06 11.45 -21.55
N GLY B 149 21.08 12.19 -21.05
CA GLY B 149 19.66 12.05 -21.31
C GLY B 149 19.00 10.76 -20.86
N VAL B 150 18.24 10.15 -21.77
CA VAL B 150 17.48 8.95 -21.45
C VAL B 150 18.35 7.97 -20.68
N ALA B 151 19.60 7.82 -21.09
CA ALA B 151 20.45 6.75 -20.60
C ALA B 151 20.59 6.81 -19.08
N SER B 152 20.35 7.99 -18.53
CA SER B 152 20.38 8.18 -17.08
C SER B 152 19.09 7.70 -16.43
N LEU B 153 17.97 7.91 -17.12
CA LEU B 153 16.69 7.39 -16.67
C LEU B 153 16.68 5.86 -16.68
N GLY B 154 17.23 5.27 -17.74
CA GLY B 154 17.20 3.84 -17.93
C GLY B 154 18.20 3.08 -17.07
N ALA B 155 19.13 3.82 -16.48
CA ALA B 155 19.93 3.35 -15.35
C ALA B 155 19.10 3.24 -14.07
N TYR B 156 18.37 4.39 -13.75
CA TYR B 156 17.50 4.32 -12.58
C TYR B 156 16.50 3.17 -12.67
N GLY B 157 15.80 3.09 -13.79
CA GLY B 157 14.80 2.07 -13.99
C GLY B 157 15.26 0.66 -13.61
N GLU B 158 16.54 0.37 -13.83
CA GLU B 158 17.06 -0.97 -13.61
C GLU B 158 17.49 -1.17 -12.17
N ILE B 159 17.63 -0.05 -11.46
CA ILE B 159 17.69 -0.07 -10.00
C ILE B 159 16.31 -0.28 -9.39
N PHE B 160 15.33 0.43 -9.92
CA PHE B 160 13.96 0.37 -9.40
C PHE B 160 13.42 -1.06 -9.49
N ARG B 161 13.77 -1.76 -10.55
CA ARG B 161 13.31 -3.13 -10.75
C ARG B 161 13.92 -4.07 -9.72
N ARG B 162 15.21 -3.91 -9.48
CA ARG B 162 15.92 -4.74 -8.51
C ARG B 162 15.83 -4.22 -7.06
N ASN B 163 15.16 -3.10 -6.87
CA ASN B 163 14.62 -2.75 -5.56
C ASN B 163 13.33 -3.50 -5.24
N THR B 164 12.50 -3.71 -6.26
CA THR B 164 11.21 -4.34 -6.06
C THR B 164 11.34 -5.86 -6.05
N HIS B 165 12.30 -6.37 -6.80
CA HIS B 165 12.58 -7.81 -6.79
C HIS B 165 13.16 -8.23 -5.44
N ALA B 166 14.07 -7.42 -4.90
CA ALA B 166 14.68 -7.70 -3.61
C ALA B 166 13.68 -7.66 -2.45
N SER B 167 12.63 -6.84 -2.63
CA SER B 167 11.87 -6.28 -1.52
C SER B 167 11.22 -7.38 -0.71
N GLY B 168 11.73 -7.61 0.50
CA GLY B 168 11.28 -8.73 1.31
C GLY B 168 12.18 -9.95 1.19
N VAL B 169 13.30 -9.78 0.51
CA VAL B 169 14.29 -10.86 0.40
C VAL B 169 15.56 -10.53 1.17
N ILE B 170 16.23 -9.46 0.78
CA ILE B 170 17.43 -9.00 1.48
C ILE B 170 17.29 -7.54 1.92
N PRO B 171 17.54 -7.28 3.20
CA PRO B 171 17.24 -5.96 3.75
C PRO B 171 17.88 -4.82 2.97
N GLN B 172 17.06 -3.80 2.72
CA GLN B 172 17.46 -2.63 1.94
C GLN B 172 17.32 -1.36 2.74
N ILE B 173 18.45 -0.71 3.00
CA ILE B 173 18.51 0.42 3.93
C ILE B 173 19.15 1.65 3.27
N SER B 174 18.36 2.71 3.17
CA SER B 174 18.77 3.93 2.49
C SER B 174 19.19 5.02 3.48
N LEU B 175 20.46 5.38 3.42
CA LEU B 175 21.00 6.47 4.23
C LEU B 175 21.19 7.73 3.39
N VAL B 176 20.33 8.71 3.64
CA VAL B 176 20.19 9.89 2.80
C VAL B 176 20.90 11.07 3.45
N VAL B 177 22.10 11.35 2.97
CA VAL B 177 23.02 12.27 3.65
C VAL B 177 23.17 13.54 2.82
N GLY B 178 22.30 13.69 1.83
CA GLY B 178 22.51 14.62 0.73
C GLY B 178 21.20 15.06 0.08
N PRO B 179 21.27 15.33 -1.22
CA PRO B 179 20.07 15.46 -2.05
C PRO B 179 19.58 14.14 -2.61
N CYS B 180 18.29 14.10 -2.94
CA CYS B 180 17.66 12.97 -3.62
C CYS B 180 16.46 13.45 -4.43
N ALA B 181 16.73 14.04 -5.58
CA ALA B 181 15.73 14.80 -6.32
C ALA B 181 15.18 14.01 -7.50
N GLY B 182 14.00 14.38 -7.95
CA GLY B 182 13.39 13.75 -9.11
C GLY B 182 12.99 12.31 -8.84
N GLY B 183 12.90 11.53 -9.91
CA GLY B 183 12.53 10.14 -9.80
C GLY B 183 13.38 9.38 -8.80
N ALA B 184 14.65 9.76 -8.69
CA ALA B 184 15.57 9.14 -7.76
C ALA B 184 14.87 8.74 -6.46
N VAL B 185 13.99 9.61 -5.97
CA VAL B 185 13.41 9.45 -4.65
C VAL B 185 12.69 8.11 -4.52
N TYR B 186 12.29 7.54 -5.64
CA TYR B 186 11.48 6.31 -5.65
C TYR B 186 12.30 5.02 -5.58
N SER B 187 13.59 5.17 -5.30
CA SER B 187 14.51 4.06 -5.07
C SER B 187 14.49 3.84 -3.55
N PRO B 188 14.77 4.90 -2.78
CA PRO B 188 14.80 4.86 -1.32
C PRO B 188 13.41 4.67 -0.70
N ALA B 189 12.35 4.99 -1.45
CA ALA B 189 10.98 4.70 -1.04
C ALA B 189 10.75 3.19 -0.95
N ILE B 190 11.06 2.50 -2.04
CA ILE B 190 11.03 1.04 -2.07
C ILE B 190 11.71 0.46 -0.84
N THR B 191 12.94 0.93 -0.60
CA THR B 191 13.84 0.41 0.44
C THR B 191 13.21 0.42 1.83
N ASP B 192 13.51 -0.65 2.57
CA ASP B 192 12.82 -0.92 3.84
C ASP B 192 12.85 0.30 4.75
N PHE B 193 14.05 0.84 4.96
CA PHE B 193 14.26 1.86 5.99
C PHE B 193 15.15 2.99 5.46
N THR B 194 14.65 4.21 5.61
CA THR B 194 15.35 5.40 5.16
C THR B 194 15.73 6.30 6.34
N VAL B 195 17.03 6.59 6.43
CA VAL B 195 17.59 7.41 7.48
C VAL B 195 18.19 8.68 6.91
N MET B 196 17.74 9.82 7.43
CA MET B 196 18.16 11.11 6.97
C MET B 196 18.80 11.88 8.10
N VAL B 197 19.39 13.03 7.75
CA VAL B 197 20.23 13.80 8.64
C VAL B 197 19.83 15.28 8.64
N ASP B 198 19.34 15.74 9.78
CA ASP B 198 18.70 17.04 9.82
C ASP B 198 19.56 18.18 9.28
N GLN B 199 18.96 18.96 8.41
CA GLN B 199 19.56 20.19 7.94
C GLN B 199 20.73 19.89 7.02
N THR B 200 20.83 18.63 6.58
CA THR B 200 21.91 18.28 5.66
C THR B 200 21.53 17.10 4.78
N SER B 201 20.23 16.85 4.65
CA SER B 201 19.72 15.93 3.64
C SER B 201 18.30 16.29 3.24
N HIS B 202 18.01 16.14 1.95
CA HIS B 202 16.75 16.58 1.37
C HIS B 202 16.23 15.60 0.30
N MET B 203 14.92 15.42 0.27
CA MET B 203 14.28 14.59 -0.74
C MET B 203 13.01 15.24 -1.27
N PHE B 204 12.84 15.22 -2.59
CA PHE B 204 11.66 15.81 -3.22
C PHE B 204 11.65 15.57 -4.72
N ILE B 205 10.49 15.24 -5.26
CA ILE B 205 10.37 14.94 -6.69
C ILE B 205 10.53 16.20 -7.53
N THR B 206 9.91 17.29 -7.07
CA THR B 206 10.04 18.58 -7.73
C THR B 206 10.61 19.63 -6.78
N GLY B 207 11.58 20.41 -7.25
CA GLY B 207 12.17 21.48 -6.47
C GLY B 207 11.21 22.63 -6.15
N PRO B 208 11.68 23.53 -5.31
CA PRO B 208 10.91 24.74 -4.97
C PRO B 208 10.60 25.56 -6.21
N ASP B 209 11.64 25.84 -7.00
CA ASP B 209 11.52 26.67 -8.19
C ASP B 209 10.27 26.28 -8.96
N VAL B 210 10.21 25.05 -9.44
CA VAL B 210 9.18 24.67 -10.40
C VAL B 210 7.80 24.77 -9.78
N ILE B 211 7.72 24.48 -8.48
CA ILE B 211 6.47 24.56 -7.74
C ILE B 211 6.07 26.00 -7.44
N LYS B 212 7.02 26.93 -7.49
CA LYS B 212 6.67 28.34 -7.46
C LYS B 212 5.95 28.76 -8.74
N THR B 213 6.71 28.70 -9.83
CA THR B 213 6.18 28.92 -11.17
C THR B 213 4.75 28.42 -11.23
N VAL B 214 4.61 27.11 -11.05
CA VAL B 214 3.38 26.42 -11.41
C VAL B 214 2.26 26.85 -10.49
N THR B 215 2.50 26.75 -9.18
CA THR B 215 1.42 26.79 -8.20
C THR B 215 1.56 27.99 -7.29
N GLY B 216 2.53 28.85 -7.59
CA GLY B 216 2.65 30.14 -6.93
C GLY B 216 3.27 30.03 -5.55
N GLU B 217 3.10 28.87 -4.94
CA GLU B 217 3.50 28.67 -3.55
C GLU B 217 5.00 28.86 -3.38
N ASP B 218 5.38 29.34 -2.22
CA ASP B 218 6.71 29.92 -1.99
C ASP B 218 7.43 29.21 -0.85
N VAL B 219 8.11 28.12 -1.16
CA VAL B 219 8.73 27.28 -0.13
C VAL B 219 10.26 27.36 -0.17
N GLY B 220 10.88 26.91 0.92
CA GLY B 220 12.28 26.59 0.91
C GLY B 220 12.52 25.11 0.68
N PHE B 221 13.78 24.72 0.75
CA PHE B 221 14.15 23.32 0.55
C PHE B 221 13.97 22.53 1.85
N GLU B 222 14.37 23.18 2.96
CA GLU B 222 14.14 22.65 4.29
C GLU B 222 12.67 22.27 4.47
N GLU B 223 11.78 23.30 4.31
CA GLU B 223 10.37 23.01 4.50
C GLU B 223 9.79 22.03 3.47
N LEU B 224 10.26 22.08 2.27
CA LEU B 224 9.69 21.29 1.18
C LEU B 224 10.01 19.81 1.33
N GLY B 225 11.30 19.55 1.53
CA GLY B 225 11.81 18.21 1.73
C GLY B 225 12.93 17.87 2.69
N GLY B 226 13.01 18.52 3.85
CA GLY B 226 14.12 18.27 4.75
C GLY B 226 13.82 17.16 5.73
N ALA B 227 14.85 16.72 6.45
CA ALA B 227 14.78 15.53 7.27
C ALA B 227 13.60 15.60 8.25
N ARG B 228 13.39 16.76 8.86
CA ARG B 228 12.26 16.94 9.76
C ARG B 228 10.94 16.71 9.02
N THR B 229 10.74 17.49 7.96
CA THR B 229 9.63 17.28 7.04
C THR B 229 9.33 15.80 6.92
N HIS B 230 10.29 15.04 6.42
CA HIS B 230 10.03 13.69 5.94
C HIS B 230 9.96 12.68 7.07
N ASN B 231 10.38 13.10 8.27
CA ASN B 231 10.31 12.24 9.44
C ASN B 231 9.09 12.55 10.30
N SER B 232 8.53 13.73 10.11
CA SER B 232 7.33 14.14 10.86
C SER B 232 6.07 14.09 10.01
N THR B 233 6.12 14.66 8.80
CA THR B 233 4.91 14.95 8.05
C THR B 233 4.60 13.88 7.02
N SER B 234 5.48 13.76 6.02
CA SER B 234 5.20 12.96 4.84
C SER B 234 5.57 11.49 5.07
N GLY B 235 5.91 11.15 6.31
CA GLY B 235 5.90 9.77 6.75
C GLY B 235 6.86 8.90 5.97
N VAL B 236 7.58 9.52 5.05
CA VAL B 236 8.57 8.82 4.24
C VAL B 236 9.63 8.18 5.12
N ALA B 237 10.41 9.02 5.78
CA ALA B 237 11.66 8.61 6.40
C ALA B 237 11.42 8.05 7.78
N HIS B 238 12.28 7.10 8.17
CA HIS B 238 12.18 6.49 9.49
C HIS B 238 12.76 7.39 10.57
N HIS B 239 14.00 7.84 10.34
CA HIS B 239 14.82 8.42 11.40
C HIS B 239 15.51 9.71 10.95
N MET B 240 15.58 10.68 11.86
CA MET B 240 16.29 11.92 11.59
C MET B 240 17.44 12.12 12.56
N ALA B 241 18.65 11.77 12.14
CA ALA B 241 19.81 11.77 13.02
C ALA B 241 20.48 13.14 13.06
N GLY B 242 21.07 13.49 14.21
CA GLY B 242 21.64 14.82 14.37
C GLY B 242 22.73 15.08 13.36
N ASP B 243 23.67 14.13 13.26
CA ASP B 243 24.67 14.16 12.19
C ASP B 243 24.94 12.79 11.56
N GLU B 244 25.96 12.73 10.70
CA GLU B 244 26.17 11.58 9.84
C GLU B 244 26.66 10.37 10.63
N LYS B 245 27.62 10.62 11.52
CA LYS B 245 28.01 9.68 12.55
C LYS B 245 26.79 8.96 13.12
N ASP B 246 25.95 9.71 13.81
CA ASP B 246 24.71 9.19 14.38
C ASP B 246 23.96 8.33 13.36
N ALA B 247 23.76 8.87 12.16
CA ALA B 247 22.91 8.21 11.17
C ALA B 247 23.62 7.12 10.34
N VAL B 248 24.89 6.89 10.67
CA VAL B 248 25.54 5.61 10.41
C VAL B 248 25.26 4.60 11.52
N GLU B 249 25.39 5.04 12.77
CA GLU B 249 25.09 4.19 13.90
C GLU B 249 23.69 3.58 13.79
N TYR B 250 22.70 4.45 13.64
CA TYR B 250 21.31 4.02 13.47
C TYR B 250 21.21 2.90 12.45
N VAL B 251 21.95 3.02 11.37
CA VAL B 251 21.93 2.01 10.30
C VAL B 251 22.45 0.67 10.79
N LYS B 252 23.55 0.71 11.55
CA LYS B 252 24.19 -0.52 12.03
C LYS B 252 23.46 -1.05 13.24
N GLN B 253 22.46 -0.33 13.72
CA GLN B 253 21.54 -0.85 14.71
C GLN B 253 20.39 -1.61 14.05
N LEU B 254 19.82 -1.00 13.01
CA LEU B 254 18.78 -1.66 12.24
C LEU B 254 19.24 -3.04 11.76
N LEU B 255 20.43 -3.06 11.18
CA LEU B 255 21.03 -4.28 10.67
C LEU B 255 21.16 -5.32 11.78
N SER B 256 21.38 -4.87 13.00
CA SER B 256 21.53 -5.78 14.14
C SER B 256 20.28 -6.63 14.35
N TYR B 257 19.10 -6.06 14.09
CA TYR B 257 17.83 -6.72 14.44
C TYR B 257 17.17 -7.49 13.29
N LEU B 258 17.86 -7.50 12.14
CA LEU B 258 17.38 -8.19 10.96
C LEU B 258 18.40 -9.20 10.46
N PRO B 259 17.90 -10.25 9.81
CA PRO B 259 18.76 -11.29 9.25
C PRO B 259 19.25 -10.91 7.86
N SER B 260 20.33 -11.55 7.41
CA SER B 260 21.03 -11.12 6.21
C SER B 260 20.16 -11.32 4.97
N ASN B 261 19.17 -12.20 5.10
CA ASN B 261 18.10 -12.31 4.12
C ASN B 261 17.03 -13.31 4.55
N ASN B 262 15.88 -13.32 3.87
CA ASN B 262 14.67 -13.94 4.41
C ASN B 262 14.66 -15.48 4.43
N LEU B 263 15.85 -16.07 4.37
CA LEU B 263 16.00 -17.50 4.56
C LEU B 263 16.85 -17.79 5.79
N SER B 264 16.97 -16.77 6.64
CA SER B 264 17.53 -16.93 7.98
C SER B 264 16.64 -16.26 9.05
N GLU B 265 16.84 -16.68 10.30
CA GLU B 265 16.11 -16.08 11.41
C GLU B 265 16.96 -15.03 12.13
N PRO B 266 16.34 -13.92 12.51
CA PRO B 266 17.09 -12.73 12.93
C PRO B 266 18.24 -13.08 13.86
N PRO B 267 19.39 -12.44 13.70
CA PRO B 267 20.59 -12.80 14.46
C PRO B 267 20.40 -12.58 15.96
N ALA B 268 20.83 -13.55 16.77
CA ALA B 268 20.53 -13.54 18.19
C ALA B 268 21.70 -14.06 19.03
N PHE B 269 21.82 -13.56 20.26
CA PHE B 269 22.77 -14.10 21.22
C PHE B 269 22.07 -14.53 22.50
N PRO B 270 21.65 -15.79 22.51
CA PRO B 270 20.63 -16.29 23.44
C PRO B 270 21.14 -16.32 24.87
N GLU B 271 20.28 -15.85 25.78
CA GLU B 271 20.63 -15.72 27.19
C GLU B 271 19.37 -15.75 28.06
N GLU B 272 19.26 -16.84 28.80
CA GLU B 272 18.03 -17.20 29.50
C GLU B 272 17.65 -16.14 30.52
N ALA B 273 16.39 -15.73 30.50
CA ALA B 273 15.93 -14.65 31.37
C ALA B 273 15.46 -15.20 32.71
N ASP B 274 15.85 -14.53 33.79
CA ASP B 274 15.34 -14.84 35.12
C ASP B 274 13.87 -14.42 35.24
N LEU B 275 12.99 -15.39 35.44
CA LEU B 275 11.56 -15.17 35.34
C LEU B 275 10.90 -14.96 36.71
N ALA B 276 11.70 -14.82 37.75
CA ALA B 276 11.18 -14.39 39.06
C ALA B 276 10.87 -12.90 39.09
N VAL B 277 9.74 -12.55 39.69
CA VAL B 277 9.03 -11.32 39.36
C VAL B 277 9.70 -10.11 40.02
N THR B 278 10.42 -9.34 39.22
CA THR B 278 11.33 -8.34 39.73
C THR B 278 10.55 -7.16 40.29
N ASP B 279 11.27 -6.19 40.84
CA ASP B 279 10.65 -4.96 41.33
C ASP B 279 10.52 -3.92 40.22
N GLU B 280 11.08 -4.26 39.06
CA GLU B 280 10.67 -3.67 37.79
C GLU B 280 9.29 -4.16 37.38
N ASP B 281 9.20 -5.47 37.16
CA ASP B 281 7.95 -6.12 36.82
C ASP B 281 6.81 -5.45 37.54
N ALA B 282 6.93 -5.35 38.87
CA ALA B 282 5.79 -5.01 39.71
C ALA B 282 5.44 -3.53 39.60
N GLU B 283 6.23 -2.80 38.81
CA GLU B 283 5.88 -1.45 38.41
C GLU B 283 4.66 -1.45 37.51
N LEU B 284 4.46 -2.54 36.78
CA LEU B 284 3.39 -2.62 35.80
C LEU B 284 2.03 -2.71 36.48
N ASP B 285 2.01 -3.24 37.70
CA ASP B 285 0.77 -3.49 38.41
C ASP B 285 0.08 -2.18 38.80
N THR B 286 0.86 -1.10 38.84
CA THR B 286 0.32 0.24 39.07
C THR B 286 0.93 1.28 38.14
N ILE B 287 0.99 0.94 36.86
CA ILE B 287 1.07 1.93 35.80
C ILE B 287 -0.31 2.54 35.54
N VAL B 288 -1.27 1.69 35.22
CA VAL B 288 -2.56 2.18 34.73
C VAL B 288 -3.26 3.05 35.76
N PRO B 289 -3.65 4.25 35.35
CA PRO B 289 -4.35 5.19 36.24
C PRO B 289 -5.80 4.79 36.46
N ASP B 290 -6.30 4.99 37.67
CA ASP B 290 -7.66 4.55 38.02
C ASP B 290 -8.73 5.51 37.51
N SER B 291 -8.31 6.44 36.64
CA SER B 291 -9.22 7.08 35.70
C SER B 291 -8.91 6.66 34.26
N ALA B 292 -9.94 6.20 33.55
CA ALA B 292 -9.81 5.90 32.12
C ALA B 292 -8.97 6.96 31.41
N ASN B 293 -9.31 8.23 31.64
CA ASN B 293 -8.97 9.29 30.70
C ASN B 293 -7.63 9.94 31.04
N GLN B 294 -6.96 9.41 32.06
CA GLN B 294 -5.60 9.82 32.38
C GLN B 294 -4.58 8.86 31.77
N PRO B 295 -3.66 9.46 31.03
CA PRO B 295 -2.72 8.71 30.21
C PRO B 295 -1.50 8.26 31.01
N TYR B 296 -0.76 7.37 30.34
CA TYR B 296 0.43 6.73 30.86
C TYR B 296 1.23 6.16 29.70
N ASP B 297 2.54 6.40 29.77
CA ASP B 297 3.44 6.33 28.63
C ASP B 297 3.81 4.89 28.32
N MET B 298 3.33 4.39 27.19
CA MET B 298 3.43 2.97 26.86
C MET B 298 4.84 2.59 26.44
N HIS B 299 5.70 3.61 26.39
CA HIS B 299 7.15 3.42 26.33
C HIS B 299 7.65 2.58 27.50
N SER B 300 7.09 2.83 28.69
CA SER B 300 7.45 2.05 29.87
C SER B 300 7.06 0.59 29.71
N VAL B 301 5.82 0.36 29.29
CA VAL B 301 5.29 -0.99 29.16
C VAL B 301 6.11 -1.84 28.20
N ILE B 302 6.53 -1.23 27.10
CA ILE B 302 7.45 -1.88 26.18
C ILE B 302 8.79 -2.18 26.84
N GLU B 303 9.33 -1.19 27.55
CA GLU B 303 10.68 -1.29 28.08
C GLU B 303 10.78 -2.38 29.14
N HIS B 304 9.76 -2.44 30.00
CA HIS B 304 9.66 -3.49 31.01
C HIS B 304 9.98 -4.85 30.41
N VAL B 305 9.36 -5.17 29.28
CA VAL B 305 9.43 -6.51 28.70
C VAL B 305 10.80 -6.77 28.07
N LEU B 306 11.27 -5.80 27.29
CA LEU B 306 12.47 -5.99 26.48
C LEU B 306 13.69 -6.24 27.36
N ASP B 307 14.70 -6.87 26.77
CA ASP B 307 15.98 -7.06 27.43
C ASP B 307 16.69 -5.72 27.65
N ASP B 308 17.12 -5.49 28.89
CA ASP B 308 17.78 -4.24 29.26
C ASP B 308 16.93 -3.04 28.87
N ALA B 309 15.62 -3.17 28.95
CA ALA B 309 14.79 -1.98 28.97
C ALA B 309 15.25 -1.17 27.78
N GLU B 310 15.70 -1.85 26.74
CA GLU B 310 16.15 -1.17 25.53
C GLU B 310 15.11 -1.27 24.42
N PHE B 311 14.64 -0.10 23.97
CA PHE B 311 13.68 0.00 22.89
C PHE B 311 14.20 0.88 21.76
N PHE B 312 14.42 0.28 20.60
CA PHE B 312 14.94 0.99 19.44
C PHE B 312 13.82 1.46 18.52
N GLU B 313 13.28 2.64 18.83
CA GLU B 313 12.12 3.16 18.12
C GLU B 313 12.45 3.54 16.68
N THR B 314 11.49 3.30 15.79
CA THR B 314 11.52 3.90 14.46
C THR B 314 10.45 4.98 14.34
N GLN B 315 10.54 5.80 13.31
CA GLN B 315 9.50 6.77 13.03
C GLN B 315 8.91 7.36 14.31
N PRO B 316 9.74 7.88 15.21
CA PRO B 316 9.19 8.41 16.46
C PRO B 316 8.41 9.70 16.24
N LEU B 317 8.78 10.46 15.21
CA LEU B 317 8.18 11.77 14.96
C LEU B 317 6.78 11.66 14.35
N PHE B 318 6.56 10.56 13.63
CA PHE B 318 5.48 10.45 12.67
C PHE B 318 4.41 9.50 13.19
N ALA B 319 3.24 10.07 13.47
CA ALA B 319 2.12 9.33 14.04
C ALA B 319 2.40 8.90 15.47
N PRO B 320 2.79 9.86 16.31
CA PRO B 320 3.15 9.56 17.70
C PRO B 320 2.15 8.61 18.38
N ASN B 321 0.88 8.70 17.99
CA ASN B 321 -0.17 7.96 18.66
C ASN B 321 0.09 6.46 18.63
N ILE B 322 1.10 6.06 17.85
CA ILE B 322 1.48 4.65 17.73
C ILE B 322 2.99 4.50 17.72
N LEU B 323 3.48 3.52 18.48
CA LEU B 323 4.91 3.26 18.59
C LEU B 323 5.32 2.06 17.74
N THR B 324 6.47 2.18 17.08
CA THR B 324 7.04 1.06 16.34
C THR B 324 8.56 1.03 16.47
N GLY B 325 9.11 -0.17 16.59
CA GLY B 325 10.52 -0.35 16.86
C GLY B 325 10.92 -1.80 17.10
N PHE B 326 12.15 -1.98 17.56
CA PHE B 326 12.71 -3.30 17.77
C PHE B 326 13.40 -3.35 19.13
N GLY B 327 13.61 -4.59 19.60
CA GLY B 327 14.53 -4.82 20.71
C GLY B 327 14.99 -6.27 20.76
N ARG B 328 14.98 -6.84 21.97
CA ARG B 328 15.46 -8.20 22.17
C ARG B 328 14.77 -8.86 23.36
N VAL B 329 14.44 -10.15 23.20
CA VAL B 329 13.79 -10.90 24.27
C VAL B 329 14.49 -12.25 24.47
N GLU B 330 15.26 -12.35 25.54
CA GLU B 330 16.19 -13.47 25.71
C GLU B 330 17.27 -13.46 24.64
N GLY B 331 17.55 -12.27 24.08
CA GLY B 331 18.54 -12.13 23.04
C GLY B 331 17.96 -11.88 21.66
N ARG B 332 16.84 -12.53 21.38
CA ARG B 332 16.30 -12.58 20.03
C ARG B 332 15.51 -11.32 19.70
N PRO B 333 15.74 -10.80 18.50
CA PRO B 333 15.10 -9.58 18.01
C PRO B 333 13.59 -9.75 17.89
N VAL B 334 12.86 -8.70 18.27
CA VAL B 334 11.41 -8.71 18.23
C VAL B 334 10.88 -7.34 17.82
N GLY B 335 9.79 -7.37 17.05
CA GLY B 335 9.15 -6.17 16.57
C GLY B 335 8.00 -5.71 17.44
N ILE B 336 7.94 -4.40 17.67
CA ILE B 336 6.97 -3.80 18.59
C ILE B 336 6.06 -2.76 17.93
N VAL B 337 4.76 -3.05 17.91
CA VAL B 337 3.74 -2.04 17.70
C VAL B 337 2.97 -1.77 19.00
N ALA B 338 2.50 -0.54 19.17
CA ALA B 338 1.83 -0.18 20.41
C ALA B 338 1.09 1.13 20.25
N ASN B 339 -0.11 1.23 20.81
CA ASN B 339 -0.87 2.48 20.76
C ASN B 339 -0.60 3.37 21.97
N GLN B 340 -0.23 4.63 21.69
CA GLN B 340 0.36 5.50 22.69
C GLN B 340 -0.68 6.41 23.32
N PRO B 341 -1.23 5.96 24.44
CA PRO B 341 -2.33 6.66 25.13
C PRO B 341 -2.11 8.16 25.15
N MET B 342 -0.89 8.60 25.42
CA MET B 342 -0.59 10.02 25.46
C MET B 342 -1.21 10.77 24.29
N GLN B 343 -0.90 10.34 23.07
CA GLN B 343 -1.04 11.19 21.90
C GLN B 343 -2.32 10.87 21.15
N PHE B 344 -3.32 11.75 21.27
CA PHE B 344 -4.57 11.58 20.54
C PHE B 344 -5.46 10.54 21.21
N ALA B 345 -5.09 10.19 22.43
CA ALA B 345 -5.85 9.22 23.22
C ALA B 345 -5.50 7.80 22.81
N GLY B 346 -4.46 7.65 22.00
CA GLY B 346 -4.12 6.34 21.47
C GLY B 346 -4.98 5.91 20.30
N CYS B 347 -5.85 6.83 19.85
CA CYS B 347 -6.75 6.55 18.75
C CYS B 347 -5.99 6.30 17.46
N LEU B 348 -6.36 5.24 16.75
CA LEU B 348 -5.78 4.94 15.45
C LEU B 348 -6.27 5.91 14.38
N ASP B 349 -5.45 6.15 13.37
CA ASP B 349 -5.67 7.23 12.42
C ASP B 349 -4.78 7.06 11.19
N ILE B 350 -5.21 7.64 10.08
CA ILE B 350 -4.66 7.30 8.77
C ILE B 350 -3.15 7.07 8.85
N THR B 351 -2.47 7.96 9.54
CA THR B 351 -1.01 7.94 9.61
C THR B 351 -0.51 6.75 10.42
N ALA B 352 -0.96 6.69 11.67
CA ALA B 352 -0.73 5.55 12.52
C ALA B 352 -0.79 4.27 11.71
N SER B 353 -1.91 4.07 11.02
CA SER B 353 -2.23 2.78 10.41
C SER B 353 -1.17 2.37 9.40
N GLU B 354 -0.71 3.35 8.61
CA GLU B 354 0.23 3.09 7.55
C GLU B 354 1.66 2.93 8.08
N LYS B 355 1.96 3.71 9.12
CA LYS B 355 3.18 3.57 9.89
C LYS B 355 3.32 2.15 10.38
N ALA B 356 2.25 1.61 10.96
CA ALA B 356 2.31 0.33 11.66
C ALA B 356 2.18 -0.84 10.69
N ALA B 357 1.39 -0.63 9.63
CA ALA B 357 1.20 -1.67 8.61
C ALA B 357 2.53 -2.07 7.98
N ARG B 358 3.29 -1.07 7.54
CA ARG B 358 4.53 -1.30 6.81
C ARG B 358 5.62 -1.87 7.71
N PHE B 359 5.57 -1.51 8.99
CA PHE B 359 6.51 -2.06 9.97
C PHE B 359 6.22 -3.52 10.26
N VAL B 360 4.94 -3.87 10.34
CA VAL B 360 4.55 -5.26 10.57
C VAL B 360 4.98 -6.16 9.40
N ARG B 361 4.66 -5.72 8.20
CA ARG B 361 5.11 -6.39 6.99
C ARG B 361 6.62 -6.61 7.01
N THR B 362 7.38 -5.54 7.19
CA THR B 362 8.84 -5.66 7.23
C THR B 362 9.30 -6.80 8.14
N CYS B 363 8.76 -6.83 9.35
CA CYS B 363 9.20 -7.80 10.35
C CYS B 363 8.45 -9.12 10.24
N ASP B 364 7.60 -9.23 9.23
CA ASP B 364 7.01 -10.50 8.84
C ASP B 364 7.64 -11.04 7.55
N ALA B 365 8.25 -10.16 6.76
CA ALA B 365 9.07 -10.60 5.64
C ALA B 365 10.41 -11.17 6.10
N PHE B 366 11.03 -10.49 7.06
CA PHE B 366 12.35 -10.89 7.57
C PHE B 366 12.26 -11.62 8.92
N ASN B 367 11.19 -12.38 9.10
CA ASN B 367 11.09 -13.37 10.18
C ASN B 367 11.48 -12.76 11.52
N VAL B 368 10.87 -11.63 11.86
CA VAL B 368 10.97 -11.06 13.20
C VAL B 368 9.60 -11.04 13.89
N PRO B 369 9.52 -11.71 15.03
CA PRO B 369 8.29 -11.79 15.81
C PRO B 369 7.78 -10.40 16.20
N VAL B 370 6.47 -10.24 16.21
CA VAL B 370 5.85 -8.96 16.56
C VAL B 370 5.15 -9.03 17.91
N LEU B 371 5.48 -8.07 18.77
CA LEU B 371 4.82 -7.90 20.06
C LEU B 371 3.98 -6.63 20.07
N THR B 372 2.67 -6.81 20.17
CA THR B 372 1.74 -5.68 20.23
C THR B 372 1.40 -5.30 21.66
N PHE B 373 1.05 -4.02 21.84
CA PHE B 373 0.42 -3.55 23.07
C PHE B 373 -0.76 -2.64 22.73
N VAL B 374 -1.88 -2.91 23.42
CA VAL B 374 -3.21 -2.48 23.01
C VAL B 374 -3.88 -1.57 24.05
N ASP B 375 -4.14 -0.35 23.59
CA ASP B 375 -4.76 0.71 24.38
C ASP B 375 -5.41 1.74 23.44
N VAL B 376 -6.51 1.36 22.80
CA VAL B 376 -7.04 2.15 21.70
C VAL B 376 -8.54 2.33 21.80
N PRO B 377 -8.98 3.57 21.95
CA PRO B 377 -10.40 3.87 22.14
C PRO B 377 -11.19 3.67 20.85
N GLY B 378 -10.50 3.73 19.72
CA GLY B 378 -11.15 3.81 18.42
C GLY B 378 -10.43 4.70 17.41
N PHE B 379 -11.05 4.90 16.26
CA PHE B 379 -10.42 5.68 15.19
C PHE B 379 -10.71 7.16 15.34
N LEU B 380 -9.74 7.99 14.98
CA LEU B 380 -9.92 9.43 15.00
C LEU B 380 -11.12 9.86 14.16
N PRO B 381 -12.03 10.59 14.79
CA PRO B 381 -13.23 11.09 14.11
C PRO B 381 -12.98 12.45 13.46
N GLY B 382 -13.22 12.48 12.16
CA GLY B 382 -13.11 13.68 11.38
C GLY B 382 -13.67 13.42 10.01
N VAL B 383 -14.01 14.49 9.32
CA VAL B 383 -14.38 14.43 7.91
C VAL B 383 -13.16 14.41 7.00
N ASP B 384 -12.01 14.83 7.51
CA ASP B 384 -10.75 14.63 6.78
C ASP B 384 -10.41 13.15 6.68
N GLN B 385 -10.35 12.49 7.83
CA GLN B 385 -9.92 11.10 7.90
C GLN B 385 -10.69 10.24 6.90
N GLU B 386 -11.98 10.54 6.75
CA GLU B 386 -12.87 9.78 5.88
C GLU B 386 -12.67 10.16 4.42
N HIS B 387 -12.59 11.46 4.15
CA HIS B 387 -12.30 11.95 2.81
C HIS B 387 -10.97 11.39 2.31
N ASP B 388 -9.95 11.43 3.17
CA ASP B 388 -8.60 11.08 2.77
C ASP B 388 -8.43 9.56 2.79
N GLY B 389 -9.53 8.83 2.80
CA GLY B 389 -9.48 7.37 2.72
C GLY B 389 -8.85 6.68 3.92
N ILE B 390 -9.47 6.86 5.08
CA ILE B 390 -9.29 5.95 6.19
C ILE B 390 -9.64 4.52 5.80
N ILE B 391 -10.74 4.38 5.07
CA ILE B 391 -11.36 3.09 4.83
C ILE B 391 -10.43 2.14 4.10
N ARG B 392 -9.64 2.68 3.17
CA ARG B 392 -8.65 1.90 2.45
C ARG B 392 -7.36 1.84 3.24
N ARG B 393 -7.04 2.94 3.93
CA ARG B 393 -5.70 3.14 4.47
C ARG B 393 -5.64 2.82 5.96
N GLY B 394 -6.78 2.49 6.54
CA GLY B 394 -6.81 1.82 7.83
C GLY B 394 -6.89 0.31 7.69
N ALA B 395 -7.39 -0.14 6.53
CA ALA B 395 -7.44 -1.57 6.23
C ALA B 395 -6.04 -2.18 6.23
N LYS B 396 -5.06 -1.40 5.76
CA LYS B 396 -3.71 -1.90 5.56
C LYS B 396 -3.21 -2.68 6.77
N LEU B 397 -3.49 -2.15 7.97
CA LEU B 397 -3.05 -2.77 9.23
C LEU B 397 -3.65 -4.15 9.52
N ILE B 398 -4.96 -4.28 9.31
CA ILE B 398 -5.64 -5.58 9.36
C ILE B 398 -5.02 -6.56 8.38
N PHE B 399 -4.72 -6.07 7.17
CA PHE B 399 -4.22 -6.92 6.10
C PHE B 399 -2.80 -7.39 6.38
N ALA B 400 -2.05 -6.59 7.14
CA ALA B 400 -0.69 -6.95 7.54
C ALA B 400 -0.70 -8.00 8.64
N TYR B 401 -1.53 -7.77 9.65
CA TYR B 401 -1.71 -8.72 10.74
C TYR B 401 -2.08 -10.09 10.21
N ALA B 402 -3.16 -10.18 9.44
CA ALA B 402 -3.69 -11.47 8.98
C ALA B 402 -2.71 -12.17 8.06
N GLU B 403 -1.87 -11.39 7.38
CA GLU B 403 -0.93 -11.92 6.41
C GLU B 403 0.26 -12.59 7.10
N ALA B 404 0.62 -12.04 8.25
CA ALA B 404 1.91 -12.29 8.86
C ALA B 404 1.94 -13.66 9.52
N THR B 405 3.03 -14.39 9.30
CA THR B 405 3.15 -15.75 9.79
C THR B 405 4.37 -15.93 10.68
N VAL B 406 4.88 -14.82 11.22
CA VAL B 406 5.86 -14.88 12.30
C VAL B 406 5.25 -14.59 13.66
N PRO B 407 5.70 -15.27 14.69
CA PRO B 407 4.92 -15.39 15.91
C PRO B 407 4.42 -14.04 16.40
N LEU B 408 3.12 -14.03 16.65
CA LEU B 408 2.40 -12.84 17.11
C LEU B 408 1.94 -13.00 18.56
N ILE B 409 2.32 -12.04 19.40
CA ILE B 409 1.87 -12.02 20.79
C ILE B 409 1.34 -10.64 21.18
N THR B 410 0.07 -10.60 21.59
CA THR B 410 -0.62 -9.35 21.84
C THR B 410 -0.98 -9.20 23.32
N VAL B 411 -0.85 -7.98 23.83
CA VAL B 411 -1.23 -7.69 25.21
C VAL B 411 -2.10 -6.44 25.30
N ILE B 412 -3.37 -6.61 25.62
CA ILE B 412 -4.26 -5.47 25.82
C ILE B 412 -4.10 -4.88 27.22
N THR B 413 -3.58 -3.66 27.29
CA THR B 413 -3.36 -3.00 28.57
C THR B 413 -4.65 -2.36 29.09
N ARG B 414 -5.35 -1.62 28.23
CA ARG B 414 -6.50 -0.85 28.68
C ARG B 414 -7.77 -0.83 27.80
N LYS B 415 -7.70 -0.15 26.65
CA LYS B 415 -8.89 0.12 25.85
C LYS B 415 -8.81 -0.58 24.49
N ALA B 416 -9.87 -1.27 24.13
CA ALA B 416 -9.91 -2.08 22.93
C ALA B 416 -11.32 -2.18 22.35
N PHE B 417 -11.79 -1.11 21.71
CA PHE B 417 -13.20 -1.07 21.30
C PHE B 417 -13.49 -1.02 19.80
N GLY B 418 -14.38 -1.94 19.38
CA GLY B 418 -14.83 -2.15 18.01
C GLY B 418 -13.91 -2.71 16.93
N GLY B 419 -13.77 -1.94 15.86
CA GLY B 419 -12.88 -2.30 14.76
C GLY B 419 -11.42 -2.20 15.14
N ALA B 420 -11.10 -1.26 16.01
CA ALA B 420 -9.73 -1.03 16.45
C ALA B 420 -9.18 -2.22 17.25
N TYR B 421 -10.02 -2.82 18.09
CA TYR B 421 -9.65 -4.07 18.76
C TYR B 421 -9.21 -5.12 17.74
N LEU B 422 -10.01 -5.30 16.70
CA LEU B 422 -9.70 -6.26 15.65
C LEU B 422 -8.35 -5.95 14.99
N VAL B 423 -8.21 -4.72 14.49
CA VAL B 423 -6.94 -4.27 13.95
C VAL B 423 -5.77 -4.78 14.78
N MET B 424 -5.75 -4.39 16.05
CA MET B 424 -4.52 -4.43 16.84
C MET B 424 -4.13 -5.87 17.19
N GLY B 425 -3.64 -6.62 16.21
CA GLY B 425 -3.17 -7.97 16.47
C GLY B 425 -4.07 -8.80 17.36
N SER B 426 -5.36 -8.80 17.00
CA SER B 426 -6.33 -9.66 17.64
C SER B 426 -6.19 -11.10 17.22
N LYS B 427 -6.79 -12.00 18.00
CA LYS B 427 -6.73 -13.43 17.71
C LYS B 427 -7.50 -13.77 16.45
N HIS B 428 -8.52 -12.96 16.12
CA HIS B 428 -9.32 -13.21 14.93
C HIS B 428 -8.46 -13.19 13.67
N LEU B 429 -7.50 -12.27 13.64
CA LEU B 429 -6.56 -12.18 12.53
C LEU B 429 -5.29 -12.98 12.84
N GLY B 430 -5.45 -14.10 13.53
CA GLY B 430 -4.44 -15.15 13.53
C GLY B 430 -3.23 -14.78 14.36
N ALA B 431 -3.45 -14.00 15.41
CA ALA B 431 -2.45 -13.80 16.45
C ALA B 431 -2.41 -14.99 17.40
N ASP B 432 -1.19 -15.46 17.66
CA ASP B 432 -0.98 -16.69 18.42
C ASP B 432 -1.56 -16.56 19.83
N LEU B 433 -0.95 -15.72 20.66
CA LEU B 433 -1.24 -15.73 22.09
C LEU B 433 -1.68 -14.35 22.57
N ASN B 434 -2.95 -14.22 22.93
CA ASN B 434 -3.54 -12.93 23.25
C ASN B 434 -3.77 -12.76 24.75
N LEU B 435 -3.07 -11.79 25.34
CA LEU B 435 -3.15 -11.53 26.76
C LEU B 435 -3.91 -10.25 27.06
N ALA B 436 -4.49 -10.19 28.26
CA ALA B 436 -5.23 -9.02 28.72
C ALA B 436 -4.99 -8.76 30.20
N TRP B 437 -4.69 -7.51 30.55
CA TRP B 437 -4.59 -7.10 31.95
C TRP B 437 -5.98 -6.83 32.53
N PRO B 438 -6.10 -6.87 33.85
CA PRO B 438 -7.40 -6.66 34.50
C PRO B 438 -8.06 -5.34 34.06
N THR B 439 -7.24 -4.40 33.60
CA THR B 439 -7.73 -3.07 33.27
C THR B 439 -8.00 -2.94 31.77
N ALA B 440 -7.93 -4.06 31.07
CA ALA B 440 -8.39 -4.14 29.69
C ALA B 440 -9.91 -4.04 29.61
N GLN B 441 -10.38 -3.21 28.68
CA GLN B 441 -11.80 -3.11 28.37
C GLN B 441 -12.07 -3.41 26.91
N ILE B 442 -12.78 -4.51 26.67
CA ILE B 442 -12.91 -5.10 25.35
C ILE B 442 -14.37 -5.24 24.96
N ALA B 443 -14.83 -4.33 24.11
CA ALA B 443 -16.26 -4.11 23.90
C ALA B 443 -16.54 -3.51 22.52
N VAL B 444 -17.73 -3.80 21.99
CA VAL B 444 -18.14 -3.26 20.70
C VAL B 444 -17.86 -1.75 20.61
N MET B 445 -18.15 -1.02 21.67
CA MET B 445 -18.04 0.43 21.63
C MET B 445 -18.37 1.06 22.98
N GLY B 446 -17.83 2.26 23.21
CA GLY B 446 -17.87 2.86 24.53
C GLY B 446 -19.24 2.72 25.19
N ALA B 447 -19.29 2.73 26.51
CA ALA B 447 -20.56 2.54 27.21
C ALA B 447 -21.62 3.51 26.70
N GLN B 448 -21.30 4.79 26.74
CA GLN B 448 -22.22 5.84 26.34
C GLN B 448 -22.88 5.52 25.01
N GLY B 449 -22.07 5.22 24.00
CA GLY B 449 -22.57 4.88 22.69
C GLY B 449 -23.42 3.62 22.69
N ALA B 450 -23.06 2.69 23.56
CA ALA B 450 -23.75 1.41 23.67
C ALA B 450 -25.13 1.57 24.28
N VAL B 451 -25.20 2.31 25.38
CA VAL B 451 -26.45 2.50 26.10
C VAL B 451 -27.38 3.49 25.40
N ASN B 452 -26.81 4.26 24.47
CA ASN B 452 -27.61 5.13 23.61
C ASN B 452 -28.42 4.35 22.58
N ILE B 453 -27.94 3.14 22.27
CA ILE B 453 -28.54 2.31 21.24
C ILE B 453 -29.30 1.13 21.85
N LEU B 454 -28.79 0.60 22.96
CA LEU B 454 -29.40 -0.56 23.60
C LEU B 454 -30.17 -0.19 24.86
N HIS B 455 -30.43 1.11 25.04
CA HIS B 455 -31.45 1.59 25.96
C HIS B 455 -32.53 2.47 25.31
N ARG B 456 -32.29 2.88 24.07
CA ARG B 456 -32.78 4.14 23.55
C ARG B 456 -34.18 4.43 24.09
N ARG B 457 -34.99 3.39 24.21
CA ARG B 457 -36.37 3.53 24.65
C ARG B 457 -36.43 4.06 26.07
N THR B 458 -36.06 3.20 27.02
CA THR B 458 -36.41 3.40 28.41
C THR B 458 -35.64 4.62 28.89
N ILE B 459 -34.91 5.23 27.97
CA ILE B 459 -34.35 6.56 28.21
C ILE B 459 -35.26 7.65 27.66
N ALA B 460 -35.80 7.42 26.46
CA ALA B 460 -36.75 8.36 25.87
C ALA B 460 -37.99 8.47 26.74
N ASP B 461 -38.32 7.39 27.44
CA ASP B 461 -39.36 7.41 28.45
C ASP B 461 -39.07 8.45 29.53
N ALA B 462 -40.09 9.22 29.94
CA ALA B 462 -39.95 10.16 31.09
C ALA B 462 -38.74 11.10 31.11
N GLY B 463 -38.69 12.11 30.25
CA GLY B 463 -37.46 12.88 30.14
C GLY B 463 -37.19 13.40 31.53
N ASP B 464 -38.18 13.20 32.39
CA ASP B 464 -37.96 13.52 33.75
C ASP B 464 -36.97 12.48 34.21
N ASP B 465 -35.75 12.93 34.40
CA ASP B 465 -34.60 12.06 34.64
C ASP B 465 -34.23 11.28 33.38
N ALA B 466 -33.92 12.01 32.32
CA ALA B 466 -33.31 11.44 31.13
C ALA B 466 -31.81 11.23 31.33
N GLU B 467 -31.06 12.32 31.33
CA GLU B 467 -29.63 12.19 31.31
C GLU B 467 -29.31 11.36 32.54
N ALA B 468 -30.22 11.40 33.51
CA ALA B 468 -29.92 10.78 34.79
C ALA B 468 -29.92 9.26 34.66
N THR B 469 -31.07 8.71 34.30
CA THR B 469 -31.21 7.27 34.16
C THR B 469 -30.20 6.80 33.14
N ARG B 470 -29.61 7.73 32.40
CA ARG B 470 -28.78 7.35 31.26
C ARG B 470 -27.33 7.33 31.70
N ALA B 471 -27.01 8.23 32.62
CA ALA B 471 -25.75 8.19 33.36
C ALA B 471 -25.64 6.93 34.24
N ARG B 472 -26.72 6.56 34.93
CA ARG B 472 -26.76 5.30 35.64
C ARG B 472 -26.50 4.13 34.70
N LEU B 473 -27.20 4.11 33.57
CA LEU B 473 -27.10 3.00 32.63
C LEU B 473 -25.67 2.86 32.08
N ILE B 474 -25.03 4.02 31.91
CA ILE B 474 -23.65 4.11 31.46
C ILE B 474 -22.71 3.50 32.47
N GLN B 475 -22.95 3.78 33.75
CA GLN B 475 -22.20 3.13 34.81
C GLN B 475 -22.42 1.62 34.80
N GLU B 476 -23.67 1.19 34.67
CA GLU B 476 -23.96 -0.24 34.67
C GLU B 476 -23.18 -0.97 33.59
N TYR B 477 -23.38 -0.52 32.35
CA TYR B 477 -22.77 -1.18 31.19
C TYR B 477 -21.24 -1.21 31.30
N GLU B 478 -20.67 -0.17 31.91
CA GLU B 478 -19.24 -0.14 32.18
C GLU B 478 -18.85 -1.22 33.20
N ASP B 479 -19.68 -1.38 34.22
CA ASP B 479 -19.43 -2.37 35.26
C ASP B 479 -19.58 -3.79 34.74
N ALA B 480 -20.55 -3.99 33.86
CA ALA B 480 -20.85 -5.32 33.33
C ALA B 480 -19.82 -5.74 32.28
N LEU B 481 -19.75 -4.98 31.19
CA LEU B 481 -18.95 -5.40 30.03
C LEU B 481 -17.68 -4.63 29.69
N LEU B 482 -17.24 -3.71 30.54
CA LEU B 482 -16.04 -2.94 30.19
C LEU B 482 -14.81 -3.58 30.81
N ASN B 483 -14.60 -4.85 30.46
CA ASN B 483 -13.56 -5.69 31.04
C ASN B 483 -13.22 -6.80 30.07
N PRO B 484 -12.23 -7.65 30.36
CA PRO B 484 -11.72 -8.66 29.41
C PRO B 484 -12.21 -10.11 29.62
N TYR B 485 -13.36 -10.19 30.26
CA TYR B 485 -13.99 -11.36 30.93
C TYR B 485 -15.08 -12.20 30.21
N THR B 486 -15.82 -11.49 29.35
CA THR B 486 -16.49 -12.00 28.13
C THR B 486 -15.56 -12.43 26.92
N ALA B 487 -14.56 -11.62 26.53
CA ALA B 487 -13.53 -12.06 25.59
C ALA B 487 -12.81 -13.30 26.10
N ALA B 488 -12.49 -13.30 27.39
CA ALA B 488 -11.93 -14.48 28.04
C ALA B 488 -12.85 -15.69 27.89
N GLU B 489 -14.08 -15.55 28.35
CA GLU B 489 -15.04 -16.65 28.31
C GLU B 489 -15.02 -17.35 26.96
N ARG B 490 -14.88 -16.57 25.89
CA ARG B 490 -15.02 -17.08 24.54
C ARG B 490 -13.67 -17.43 23.93
N GLY B 491 -12.61 -17.26 24.71
CA GLY B 491 -11.27 -17.56 24.24
C GLY B 491 -10.82 -16.69 23.07
N TYR B 492 -11.20 -15.41 23.12
CA TYR B 492 -10.60 -14.40 22.25
C TYR B 492 -9.28 -13.88 22.79
N VAL B 493 -9.17 -13.82 24.12
CA VAL B 493 -7.87 -13.67 24.77
C VAL B 493 -7.54 -14.89 25.61
N ASP B 494 -6.41 -15.53 25.29
CA ASP B 494 -5.95 -16.70 26.00
C ASP B 494 -6.18 -16.55 27.50
N ALA B 495 -5.55 -15.53 28.08
CA ALA B 495 -5.55 -15.37 29.52
C ALA B 495 -5.89 -13.94 29.87
N VAL B 496 -6.38 -13.75 31.10
CA VAL B 496 -6.22 -12.48 31.80
C VAL B 496 -5.10 -12.56 32.83
N ILE B 497 -4.15 -11.64 32.72
CA ILE B 497 -2.92 -11.72 33.49
C ILE B 497 -2.74 -10.50 34.40
N MET B 498 -1.95 -10.68 35.45
CA MET B 498 -1.53 -9.57 36.30
C MET B 498 -0.32 -8.87 35.71
N PRO B 499 -0.49 -7.59 35.41
CA PRO B 499 0.38 -6.88 34.47
C PRO B 499 1.85 -7.17 34.72
N SER B 500 2.22 -7.39 35.98
CA SER B 500 3.58 -7.79 36.33
C SER B 500 4.00 -9.05 35.56
N ASP B 501 3.02 -9.89 35.24
CA ASP B 501 3.29 -11.17 34.59
C ASP B 501 3.22 -11.07 33.07
N THR B 502 3.62 -9.90 32.55
CA THR B 502 3.57 -9.67 31.12
C THR B 502 4.89 -10.02 30.45
N ARG B 503 5.95 -10.07 31.26
CA ARG B 503 7.29 -10.33 30.75
C ARG B 503 7.64 -11.81 30.79
N ARG B 504 7.00 -12.53 31.70
CA ARG B 504 7.07 -13.99 31.72
C ARG B 504 6.35 -14.59 30.51
N HIS B 505 5.09 -14.19 30.33
CA HIS B 505 4.26 -14.75 29.27
C HIS B 505 4.87 -14.53 27.90
N ILE B 506 5.47 -13.36 27.72
CA ILE B 506 6.12 -13.02 26.46
C ILE B 506 7.35 -13.89 26.21
N VAL B 507 8.08 -14.20 27.27
CA VAL B 507 9.23 -15.09 27.15
C VAL B 507 8.81 -16.51 26.80
N ARG B 508 8.05 -17.11 27.70
CA ARG B 508 7.57 -18.47 27.53
C ARG B 508 6.82 -18.62 26.21
N GLY B 509 6.07 -17.59 25.82
CA GLY B 509 5.28 -17.67 24.61
C GLY B 509 6.12 -17.70 23.35
N LEU B 510 7.18 -16.90 23.35
CA LEU B 510 8.08 -16.82 22.20
C LEU B 510 8.92 -18.09 22.08
N ARG B 511 9.36 -18.61 23.21
CA ARG B 511 10.05 -19.90 23.26
C ARG B 511 9.29 -20.97 22.48
N GLN B 512 8.03 -21.18 22.84
CA GLN B 512 7.17 -22.08 22.07
C GLN B 512 7.08 -21.66 20.61
N LEU B 513 6.71 -20.40 20.42
CA LEU B 513 6.21 -19.84 19.17
C LEU B 513 7.22 -19.85 18.03
N ARG B 514 8.49 -19.96 18.38
CA ARG B 514 9.55 -19.81 17.40
C ARG B 514 9.42 -20.82 16.26
N THR B 515 9.03 -22.06 16.57
CA THR B 515 8.91 -23.04 15.51
C THR B 515 7.53 -23.00 14.86
N LYS B 516 6.93 -21.81 14.84
CA LYS B 516 5.66 -21.68 14.18
C LYS B 516 5.83 -21.80 12.66
N ARG B 517 5.06 -22.73 12.12
CA ARG B 517 4.85 -22.96 10.69
C ARG B 517 3.43 -22.61 10.27
N GLU B 518 3.33 -21.63 9.38
CA GLU B 518 2.05 -21.10 8.92
C GLU B 518 2.21 -20.36 7.58
N SER B 519 1.32 -20.68 6.64
CA SER B 519 1.33 -20.07 5.31
C SER B 519 -0.06 -19.70 4.81
N LEU B 520 -0.05 -18.87 3.77
CA LEU B 520 -1.24 -18.34 3.10
C LEU B 520 -1.32 -18.99 1.72
N PRO B 521 -2.54 -19.16 1.23
CA PRO B 521 -2.77 -19.96 0.01
C PRO B 521 -1.94 -19.42 -1.15
N PRO B 522 -1.63 -20.34 -2.07
CA PRO B 522 -0.77 -20.03 -3.21
C PRO B 522 -1.23 -18.80 -3.96
N LYS B 523 -0.30 -17.88 -4.19
CA LYS B 523 -0.62 -16.67 -4.95
C LYS B 523 0.65 -15.98 -5.41
N LYS B 524 0.60 -15.28 -6.55
CA LYS B 524 1.75 -14.48 -6.98
C LYS B 524 2.06 -13.40 -5.96
N HIS B 525 1.00 -12.77 -5.46
CA HIS B 525 1.09 -11.77 -4.42
C HIS B 525 -0.32 -11.40 -3.97
N GLY B 526 -0.45 -10.81 -2.78
CA GLY B 526 -1.75 -10.30 -2.41
C GLY B 526 -2.14 -9.05 -3.16
N ASN B 527 -3.20 -8.40 -2.70
CA ASN B 527 -3.77 -7.24 -3.37
C ASN B 527 -4.11 -6.13 -2.37
N ILE B 528 -3.26 -5.95 -1.38
CA ILE B 528 -3.58 -5.11 -0.23
C ILE B 528 -3.96 -3.70 -0.66
N PRO B 529 -4.83 -3.07 0.13
CA PRO B 529 -5.23 -1.68 -0.09
C PRO B 529 -4.02 -0.77 -0.31
N LEU B 530 -4.11 0.09 -1.32
CA LEU B 530 -3.09 1.11 -1.55
C LEU B 530 -3.69 2.50 -1.52
C11 BTN C . -31.05 8.89 3.48
O11 BTN C . -31.11 8.93 2.25
O12 BTN C . -31.82 8.16 4.12
C10 BTN C . -30.02 9.73 4.22
C9 BTN C . -28.54 9.40 3.85
C8 BTN C . -27.78 8.55 4.91
C7 BTN C . -28.60 7.63 5.79
C2 BTN C . -27.89 6.88 6.91
S1 BTN C . -26.46 5.69 6.42
C6 BTN C . -26.67 4.82 8.13
C5 BTN C . -28.16 4.97 8.49
N1 BTN C . -28.86 3.64 7.99
C3 BTN C . -29.77 3.85 7.14
O3 BTN C . -30.56 3.03 6.52
N2 BTN C . -29.96 5.26 6.84
C4 BTN C . -28.91 6.02 7.71
S SO4 D . 23.57 8.55 -26.40
O1 SO4 D . 23.28 9.92 -26.85
O2 SO4 D . 24.49 8.60 -25.24
O3 SO4 D . 22.32 7.86 -26.04
O4 SO4 D . 24.24 7.82 -27.48
C11 BTN E . 21.51 24.34 2.45
O11 BTN E . 21.73 24.17 3.65
O12 BTN E . 22.45 24.27 1.63
C10 BTN E . 20.09 24.66 1.97
C9 BTN E . 19.13 23.43 2.05
C8 BTN E . 18.74 22.84 0.68
C7 BTN E . 19.85 22.76 -0.35
C2 BTN E . 19.47 22.13 -1.71
S1 BTN E . 18.86 20.31 -1.68
C6 BTN E . 19.22 20.23 -3.56
C5 BTN E . 20.46 21.14 -3.75
N1 BTN E . 21.70 20.20 -3.62
C3 BTN E . 22.48 20.56 -2.67
O3 BTN E . 23.58 20.06 -2.25
N2 BTN E . 22.03 21.73 -1.96
C4 BTN E . 20.70 22.14 -2.64
S SO4 F . -22.02 -13.88 25.49
O1 SO4 F . -22.47 -12.67 26.20
O2 SO4 F . -21.98 -15.01 26.43
O3 SO4 F . -22.96 -14.17 24.40
O4 SO4 F . -20.66 -13.64 24.94
#